data_4ILW
#
_entry.id   4ILW
#
_cell.length_a   37.687
_cell.length_b   56.934
_cell.length_c   82.592
_cell.angle_alpha   76.14
_cell.angle_beta   79.84
_cell.angle_gamma   71.25
#
_symmetry.space_group_name_H-M   'P 1'
#
loop_
_entity.id
_entity.type
_entity.pdbx_description
1 polymer 'Metalloproteinase inhibitor 2'
2 polymer Stromelysin-2
3 non-polymer 'ZINC ION'
4 non-polymer 'CALCIUM ION'
5 water water
#
loop_
_entity_poly.entity_id
_entity_poly.type
_entity_poly.pdbx_seq_one_letter_code
_entity_poly.pdbx_strand_id
1 'polypeptide(L)'
;CSCSPVHPQQAFCNADVVIRAKAVSEKEVDSGNDIYGNPIKRIQYEIKQIKMFKGPEKDIEFIYTAPSSAVCGVSLDVGG
KKEYLIAGKAEGDGKMHITLCDFIVPWDTLSTTQKKSLNHRYQMGCECKITRCPMIPCYISSPDECLWMDWVTEKNINGH
QAKFFACIKRSDGSCAWYRGAAPPKQEFLDIEDP
;
A,B
2 'polypeptide(L)'
;FSSFPGMPKWRKTHLTYRIVNYTPDLPRDAVDSAIEKALKVWEEVTPLTFSRLYEGEADIMISFAVKEHGDFYSFDGPGH
SLAHAYPPGPGLYGDIHFDDDEKWTEDASGTNLFLVAAHELGHSLGLFHSANTEALMYPLYNSFTELAQFRLSQDDVNGI
QSLYG
;
D,F
#
loop_
_chem_comp.id
_chem_comp.type
_chem_comp.name
_chem_comp.formula
CA non-polymer 'CALCIUM ION' 'Ca 2'
ZN non-polymer 'ZINC ION' 'Zn 2'
#
# COMPACT_ATOMS: atom_id res chain seq x y z
N CYS A 1 19.72 -0.88 4.90
CA CYS A 1 19.68 -2.33 4.55
C CYS A 1 20.73 -3.14 5.24
N SER A 2 20.30 -4.27 5.80
CA SER A 2 21.24 -5.21 6.46
C SER A 2 21.07 -6.58 5.84
N CYS A 3 22.20 -7.16 5.40
CA CYS A 3 22.21 -8.42 4.72
C CYS A 3 22.95 -9.42 5.57
N SER A 4 22.54 -10.70 5.53
CA SER A 4 23.44 -11.76 5.88
C SER A 4 23.84 -12.49 4.61
N PRO A 5 25.10 -12.96 4.55
CA PRO A 5 25.56 -13.55 3.34
C PRO A 5 24.92 -14.89 3.09
N VAL A 6 25.00 -15.31 1.84
CA VAL A 6 24.29 -16.41 1.29
C VAL A 6 25.27 -17.25 0.45
N HIS A 7 25.28 -18.56 0.67
CA HIS A 7 26.01 -19.48 -0.20
C HIS A 7 25.16 -19.68 -1.46
N PRO A 8 25.78 -19.86 -2.66
CA PRO A 8 24.99 -19.88 -3.92
C PRO A 8 23.85 -20.83 -3.90
N GLN A 9 24.05 -22.01 -3.31
CA GLN A 9 22.96 -23.00 -3.19
C GLN A 9 21.74 -22.47 -2.45
N GLN A 10 21.98 -21.79 -1.32
CA GLN A 10 20.93 -21.14 -0.56
C GLN A 10 20.17 -20.14 -1.40
N ALA A 11 20.95 -19.29 -2.07
CA ALA A 11 20.34 -18.33 -3.01
C ALA A 11 19.48 -19.00 -4.05
N PHE A 12 20.07 -20.01 -4.68
CA PHE A 12 19.43 -20.68 -5.77
C PHE A 12 18.11 -21.32 -5.25
N CYS A 13 18.17 -21.91 -4.05
CA CYS A 13 17.04 -22.67 -3.55
C CYS A 13 15.98 -21.68 -3.06
N ASN A 14 16.41 -20.54 -2.53
CA ASN A 14 15.46 -19.58 -2.00
C ASN A 14 14.75 -18.76 -3.10
N ALA A 15 15.43 -18.55 -4.21
CA ALA A 15 14.97 -17.66 -5.28
C ALA A 15 13.99 -18.36 -6.17
N ASP A 16 13.04 -17.59 -6.69
CA ASP A 16 12.04 -18.01 -7.64
C ASP A 16 12.62 -18.07 -9.00
N VAL A 17 13.48 -17.11 -9.28
CA VAL A 17 14.07 -17.05 -10.59
C VAL A 17 15.56 -16.93 -10.54
N VAL A 18 16.21 -17.76 -11.35
CA VAL A 18 17.65 -17.73 -11.50
C VAL A 18 17.99 -17.73 -12.99
N ILE A 19 18.63 -16.66 -13.43
CA ILE A 19 18.95 -16.38 -14.81
C ILE A 19 20.33 -15.75 -14.98
N ARG A 20 20.85 -16.00 -16.16
CA ARG A 20 21.97 -15.29 -16.71
C ARG A 20 21.39 -14.11 -17.51
N ALA A 21 21.85 -12.90 -17.25
CA ALA A 21 21.33 -11.75 -17.99
C ALA A 21 22.31 -10.60 -18.14
N LYS A 22 21.97 -9.70 -19.07
CA LYS A 22 22.65 -8.43 -19.28
C LYS A 22 21.62 -7.31 -19.09
N ALA A 23 21.99 -6.22 -18.41
CA ALA A 23 21.10 -5.07 -18.33
C ALA A 23 21.44 -4.08 -19.45
N VAL A 24 20.43 -3.64 -20.20
CA VAL A 24 20.67 -2.82 -21.39
C VAL A 24 20.39 -1.35 -21.06
N SER A 25 19.27 -1.10 -20.36
CA SER A 25 18.89 0.27 -19.94
C SER A 25 18.36 0.37 -18.49
N GLU A 26 18.43 1.59 -17.98
CA GLU A 26 17.97 1.90 -16.63
C GLU A 26 17.00 3.08 -16.64
N LYS A 27 15.99 3.07 -15.77
CA LYS A 27 15.18 4.27 -15.51
C LYS A 27 14.30 4.13 -14.29
N GLU A 28 13.99 5.25 -13.64
CA GLU A 28 13.01 5.28 -12.54
C GLU A 28 11.58 5.13 -13.01
N VAL A 29 10.78 4.50 -12.17
CA VAL A 29 9.36 4.40 -12.38
C VAL A 29 8.69 4.61 -11.01
N ASP A 30 7.40 4.94 -11.05
CA ASP A 30 6.55 4.99 -9.88
C ASP A 30 5.60 3.79 -10.03
N SER A 31 5.67 2.84 -9.09
CA SER A 31 4.71 1.72 -9.02
C SER A 31 3.75 1.97 -7.87
N GLY A 32 4.09 2.91 -6.99
CA GLY A 32 3.25 3.27 -5.86
C GLY A 32 3.53 4.67 -5.33
N ASN A 33 2.58 5.35 -4.66
CA ASN A 33 1.55 4.80 -3.79
C ASN A 33 1.95 5.28 -2.41
N ASP A 34 1.89 4.42 -1.39
CA ASP A 34 2.01 4.80 0.03
C ASP A 34 0.75 5.49 0.60
N ILE A 35 0.40 5.14 1.83
CA ILE A 35 -0.96 5.40 2.37
C ILE A 35 -1.26 6.89 2.64
N TYR A 36 -0.21 7.71 2.69
CA TYR A 36 -0.32 9.18 2.71
C TYR A 36 -0.09 9.56 1.24
N GLY A 37 -0.05 10.83 0.92
CA GLY A 37 0.20 11.22 -0.49
C GLY A 37 1.42 10.61 -1.21
N ASN A 38 2.48 10.27 -0.44
CA ASN A 38 3.86 10.28 -0.97
C ASN A 38 4.40 9.01 -1.64
N PRO A 39 4.99 9.15 -2.84
CA PRO A 39 5.15 7.96 -3.67
C PRO A 39 6.49 7.21 -3.51
N ILE A 40 6.44 5.91 -3.82
CA ILE A 40 7.59 4.99 -3.77
C ILE A 40 8.10 4.74 -5.21
N LYS A 41 9.36 5.15 -5.43
CA LYS A 41 10.02 5.03 -6.73
C LYS A 41 10.80 3.71 -6.74
N ARG A 42 10.84 3.01 -7.89
CA ARG A 42 11.78 1.89 -8.10
C ARG A 42 12.53 2.04 -9.42
N ILE A 43 13.80 1.66 -9.41
CA ILE A 43 14.59 1.52 -10.63
C ILE A 43 14.08 0.32 -11.40
N GLN A 44 13.82 0.51 -12.68
CA GLN A 44 13.48 -0.56 -13.57
C GLN A 44 14.65 -0.74 -14.52
N TYR A 45 15.30 -1.92 -14.48
CA TYR A 45 16.25 -2.26 -15.49
C TYR A 45 15.55 -3.03 -16.60
N GLU A 46 15.86 -2.66 -17.84
CA GLU A 46 15.48 -3.46 -19.00
C GLU A 46 16.59 -4.47 -19.22
N ILE A 47 16.24 -5.74 -19.35
CA ILE A 47 17.29 -6.73 -19.49
C ILE A 47 17.04 -7.58 -20.68
N LYS A 48 18.09 -8.24 -21.12
CA LYS A 48 17.93 -9.39 -21.95
C LYS A 48 18.24 -10.69 -21.21
N GLN A 49 17.26 -11.57 -21.11
CA GLN A 49 17.50 -12.89 -20.55
C GLN A 49 18.30 -13.75 -21.49
N ILE A 50 19.53 -14.06 -21.09
CA ILE A 50 20.36 -14.94 -21.88
C ILE A 50 19.97 -16.40 -21.63
N LYS A 51 19.65 -16.76 -20.38
CA LYS A 51 19.36 -18.16 -20.05
C LYS A 51 18.71 -18.28 -18.69
N MET A 52 17.79 -19.24 -18.57
CA MET A 52 17.13 -19.48 -17.31
C MET A 52 17.49 -20.86 -16.72
N PHE A 53 17.92 -20.87 -15.46
CA PHE A 53 18.15 -22.09 -14.72
C PHE A 53 17.02 -22.44 -13.79
N LYS A 54 16.21 -21.46 -13.43
CA LYS A 54 15.07 -21.70 -12.58
C LYS A 54 14.16 -20.54 -12.85
N GLY A 55 12.87 -20.82 -13.03
CA GLY A 55 11.84 -19.80 -13.02
C GLY A 55 10.85 -19.95 -14.16
N PRO A 56 9.98 -18.98 -14.35
CA PRO A 56 8.80 -19.15 -15.19
C PRO A 56 9.10 -19.27 -16.68
N GLU A 57 8.18 -19.86 -17.43
CA GLU A 57 8.36 -20.02 -18.88
C GLU A 57 8.49 -18.68 -19.64
N LYS A 58 7.70 -17.68 -19.27
CA LYS A 58 7.84 -16.33 -19.82
C LYS A 58 9.13 -15.60 -19.37
N ASP A 59 10.01 -15.30 -20.32
CA ASP A 59 11.30 -14.67 -20.05
C ASP A 59 11.19 -13.40 -19.22
N ILE A 60 12.20 -13.16 -18.39
CA ILE A 60 12.26 -11.92 -17.65
C ILE A 60 12.71 -10.82 -18.63
N GLU A 61 11.98 -9.71 -18.66
CA GLU A 61 12.42 -8.53 -19.46
C GLU A 61 12.76 -7.34 -18.60
N PHE A 62 12.21 -7.28 -17.39
CA PHE A 62 12.50 -6.19 -16.48
C PHE A 62 12.86 -6.67 -15.06
N ILE A 63 13.91 -6.07 -14.51
CA ILE A 63 14.26 -6.25 -13.11
C ILE A 63 14.11 -4.93 -12.35
N TYR A 64 13.38 -4.98 -11.25
CA TYR A 64 13.20 -3.85 -10.36
C TYR A 64 14.06 -3.97 -9.10
N THR A 65 14.41 -2.83 -8.54
CA THR A 65 15.09 -2.75 -7.28
C THR A 65 14.85 -1.34 -6.74
N ALA A 66 15.19 -1.10 -5.47
CA ALA A 66 15.03 0.22 -4.88
C ALA A 66 16.04 1.25 -5.40
N PRO A 67 15.66 2.55 -5.34
CA PRO A 67 16.53 3.64 -5.72
C PRO A 67 17.69 3.84 -4.77
N SER A 68 17.48 3.66 -3.46
CA SER A 68 18.59 3.77 -2.52
C SER A 68 19.00 2.42 -1.93
N SER A 69 20.26 2.31 -1.58
CA SER A 69 20.75 1.17 -0.84
C SER A 69 20.14 1.05 0.61
N ALA A 70 19.55 2.13 1.12
CA ALA A 70 18.92 2.07 2.44
C ALA A 70 17.82 1.01 2.45
N VAL A 71 17.08 0.93 1.32
CA VAL A 71 16.07 -0.12 1.09
C VAL A 71 16.57 -1.26 0.21
N CYS A 72 17.87 -1.51 0.17
CA CYS A 72 18.42 -2.71 -0.40
C CYS A 72 18.43 -2.61 -1.92
N GLY A 73 18.43 -1.38 -2.44
CA GLY A 73 18.61 -1.20 -3.89
C GLY A 73 19.98 -1.64 -4.35
N VAL A 74 20.07 -2.21 -5.56
CA VAL A 74 21.35 -2.67 -6.16
C VAL A 74 21.63 -2.05 -7.51
N SER A 75 22.89 -1.75 -7.80
CA SER A 75 23.24 -1.22 -9.13
C SER A 75 23.69 -2.35 -10.04
N LEU A 76 23.09 -2.47 -11.22
CA LEU A 76 23.67 -3.24 -12.31
C LEU A 76 24.40 -2.31 -13.33
N ASP A 77 25.50 -2.80 -13.85
CA ASP A 77 26.26 -2.12 -14.86
C ASP A 77 25.48 -2.15 -16.19
N VAL A 78 24.87 -1.04 -16.54
CA VAL A 78 23.94 -0.97 -17.66
C VAL A 78 24.67 -0.49 -18.90
N GLY A 79 24.13 -0.78 -20.08
CA GLY A 79 24.92 -0.58 -21.30
C GLY A 79 26.15 -1.46 -21.23
N GLY A 80 27.13 -1.00 -20.43
CA GLY A 80 28.34 -1.75 -20.10
C GLY A 80 28.03 -3.22 -20.24
N LYS A 81 28.58 -3.85 -21.30
CA LYS A 81 28.33 -5.26 -21.71
C LYS A 81 28.42 -6.35 -20.62
N LYS A 82 27.81 -6.09 -19.47
CA LYS A 82 28.13 -6.87 -18.30
C LYS A 82 27.07 -7.93 -18.04
N GLU A 83 27.50 -9.19 -18.07
CA GLU A 83 26.58 -10.32 -17.86
C GLU A 83 26.54 -10.69 -16.40
N TYR A 84 25.37 -11.04 -15.89
CA TYR A 84 25.26 -11.40 -14.47
C TYR A 84 24.51 -12.70 -14.30
N LEU A 85 24.82 -13.39 -13.21
CA LEU A 85 23.95 -14.47 -12.72
C LEU A 85 23.11 -13.75 -11.68
N ILE A 86 21.81 -13.90 -11.81
CA ILE A 86 20.89 -13.18 -10.95
C ILE A 86 19.92 -14.18 -10.37
N ALA A 87 19.90 -14.26 -9.04
CA ALA A 87 18.91 -15.01 -8.30
C ALA A 87 17.98 -14.04 -7.56
N GLY A 88 16.68 -14.15 -7.80
CA GLY A 88 15.73 -13.19 -7.26
C GLY A 88 14.30 -13.67 -7.28
N LYS A 89 13.37 -12.76 -7.11
CA LYS A 89 11.97 -13.12 -6.91
C LYS A 89 11.07 -12.70 -8.08
N ALA A 90 10.21 -13.60 -8.51
CA ALA A 90 9.27 -13.36 -9.60
C ALA A 90 8.23 -12.37 -9.11
N GLU A 91 7.76 -11.57 -10.03
CA GLU A 91 6.86 -10.49 -9.67
C GLU A 91 5.97 -10.37 -10.84
N GLY A 92 5.26 -11.43 -11.16
CA GLY A 92 4.40 -11.42 -12.37
C GLY A 92 5.15 -11.46 -13.68
N ASP A 93 4.43 -11.86 -14.73
CA ASP A 93 5.01 -12.21 -16.03
C ASP A 93 6.10 -11.28 -16.52
N GLY A 94 7.30 -11.84 -16.75
CA GLY A 94 8.39 -11.07 -17.33
C GLY A 94 9.00 -10.02 -16.42
N LYS A 95 8.68 -10.07 -15.12
CA LYS A 95 9.23 -9.15 -14.16
C LYS A 95 9.75 -9.84 -12.90
N MET A 96 10.85 -9.32 -12.36
CA MET A 96 11.36 -9.82 -11.11
C MET A 96 11.91 -8.67 -10.34
N HIS A 97 12.19 -8.88 -9.07
CA HIS A 97 12.94 -7.87 -8.31
C HIS A 97 14.06 -8.48 -7.55
N ILE A 98 15.07 -7.67 -7.35
CA ILE A 98 16.29 -8.02 -6.70
C ILE A 98 16.64 -7.01 -5.60
N THR A 99 17.51 -7.44 -4.67
CA THR A 99 18.02 -6.58 -3.63
C THR A 99 19.49 -6.76 -3.48
N LEU A 100 20.06 -5.82 -2.76
CA LEU A 100 21.47 -5.86 -2.37
C LEU A 100 21.89 -7.17 -1.76
N CYS A 101 20.97 -7.86 -1.09
CA CYS A 101 21.26 -9.11 -0.33
C CYS A 101 21.07 -10.37 -1.21
N ASP A 102 20.64 -10.17 -2.45
CA ASP A 102 20.48 -11.30 -3.38
C ASP A 102 21.84 -11.78 -3.91
N PHE A 103 21.91 -13.02 -4.32
CA PHE A 103 23.07 -13.50 -4.99
C PHE A 103 23.06 -12.94 -6.40
N ILE A 104 23.99 -12.02 -6.69
CA ILE A 104 24.08 -11.35 -7.99
C ILE A 104 25.56 -11.10 -8.31
N VAL A 105 26.10 -11.84 -9.26
CA VAL A 105 27.50 -11.77 -9.58
C VAL A 105 27.71 -11.74 -11.09
N PRO A 106 28.76 -11.04 -11.54
CA PRO A 106 29.08 -11.12 -12.92
C PRO A 106 29.27 -12.56 -13.38
N TRP A 107 28.66 -12.93 -14.52
CA TRP A 107 28.82 -14.29 -15.05
C TRP A 107 30.28 -14.84 -15.01
N ASP A 108 31.22 -13.99 -15.42
CA ASP A 108 32.62 -14.37 -15.64
C ASP A 108 33.35 -14.60 -14.36
N THR A 109 32.78 -14.22 -13.22
CA THR A 109 33.40 -14.51 -11.93
C THR A 109 33.09 -15.92 -11.44
N LEU A 110 32.06 -16.55 -11.97
CA LEU A 110 31.69 -17.91 -11.49
C LEU A 110 32.75 -18.98 -11.83
N SER A 111 32.99 -19.89 -10.90
CA SER A 111 33.75 -21.07 -11.20
C SER A 111 32.94 -21.95 -12.14
N THR A 112 33.66 -22.84 -12.80
CA THR A 112 33.09 -23.84 -13.65
C THR A 112 32.06 -24.72 -12.90
N THR A 113 32.35 -25.08 -11.66
CA THR A 113 31.46 -25.95 -10.87
C THR A 113 30.21 -25.21 -10.46
N GLN A 114 30.35 -23.94 -10.09
CA GLN A 114 29.16 -23.13 -9.82
C GLN A 114 28.24 -23.17 -11.03
N LYS A 115 28.79 -22.92 -12.22
CA LYS A 115 27.95 -22.85 -13.41
C LYS A 115 27.25 -24.18 -13.64
N LYS A 116 27.98 -25.27 -13.50
CA LYS A 116 27.40 -26.61 -13.71
C LYS A 116 26.35 -26.99 -12.66
N SER A 117 26.61 -26.61 -11.43
CA SER A 117 25.65 -26.76 -10.33
C SER A 117 24.25 -26.16 -10.57
N LEU A 118 24.15 -25.21 -11.50
CA LEU A 118 22.90 -24.54 -11.79
C LEU A 118 21.98 -25.46 -12.56
N ASN A 119 22.53 -26.55 -13.12
CA ASN A 119 21.68 -27.49 -13.84
C ASN A 119 20.88 -28.39 -12.95
N HIS A 120 21.43 -28.71 -11.78
CA HIS A 120 20.83 -29.76 -11.00
C HIS A 120 21.31 -29.91 -9.57
N ARG A 121 22.61 -29.82 -9.37
CA ARG A 121 23.20 -30.12 -8.10
C ARG A 121 22.68 -29.23 -6.94
N TYR A 122 22.51 -27.92 -7.17
CA TYR A 122 21.97 -27.06 -6.14
C TYR A 122 20.54 -27.42 -5.78
N GLN A 123 19.73 -27.64 -6.79
CA GLN A 123 18.37 -28.12 -6.58
C GLN A 123 18.29 -29.42 -5.76
N MET A 124 19.16 -30.40 -6.03
CA MET A 124 19.19 -31.63 -5.26
C MET A 124 19.37 -31.33 -3.78
N GLY A 125 20.07 -30.25 -3.46
CA GLY A 125 20.41 -30.01 -2.06
C GLY A 125 19.48 -29.09 -1.29
N CYS A 126 18.40 -28.58 -1.91
CA CYS A 126 17.49 -27.62 -1.23
C CYS A 126 16.93 -28.17 0.10
N GLU A 127 16.68 -29.46 0.19
CA GLU A 127 16.26 -30.08 1.43
C GLU A 127 17.31 -29.97 2.56
N CYS A 128 18.57 -29.72 2.22
CA CYS A 128 19.61 -29.57 3.23
C CYS A 128 19.72 -28.13 3.74
N LYS A 129 20.06 -28.00 5.02
CA LYS A 129 20.28 -26.70 5.66
C LYS A 129 21.73 -26.33 5.51
N ILE A 130 21.99 -25.09 5.11
CA ILE A 130 23.35 -24.57 5.08
C ILE A 130 23.41 -23.47 6.14
N THR A 131 24.35 -23.62 7.07
CA THR A 131 24.48 -22.74 8.23
C THR A 131 25.84 -22.12 8.26
N ARG A 132 25.89 -20.80 8.17
CA ARG A 132 27.13 -20.10 8.26
C ARG A 132 27.65 -20.24 9.73
N CYS A 133 28.88 -20.66 9.88
CA CYS A 133 29.57 -20.67 11.17
C CYS A 133 30.12 -19.29 11.50
N PRO A 134 29.60 -18.66 12.56
CA PRO A 134 30.10 -17.32 12.94
C PRO A 134 31.56 -17.34 13.45
N MET A 135 31.93 -18.34 14.24
CA MET A 135 33.35 -18.52 14.66
C MET A 135 33.68 -19.94 15.12
N ILE A 136 34.92 -20.38 14.93
CA ILE A 136 35.33 -21.71 15.38
C ILE A 136 35.28 -21.74 16.92
N PRO A 137 34.73 -22.83 17.52
CA PRO A 137 34.14 -23.99 16.90
C PRO A 137 32.63 -23.83 16.78
N CYS A 138 32.08 -24.55 15.81
CA CYS A 138 30.66 -24.58 15.51
C CYS A 138 30.31 -26.00 15.11
N TYR A 139 29.06 -26.37 15.39
CA TYR A 139 28.54 -27.74 15.31
C TYR A 139 27.15 -27.80 14.64
N ILE A 140 26.90 -28.85 13.87
CA ILE A 140 25.60 -29.03 13.20
C ILE A 140 24.66 -29.33 14.35
N SER A 141 23.39 -28.98 14.18
CA SER A 141 22.39 -29.28 15.17
C SER A 141 21.72 -30.55 14.72
N SER A 142 21.53 -30.67 13.41
CA SER A 142 20.70 -31.72 12.83
C SER A 142 21.56 -32.40 11.83
N PRO A 143 21.23 -33.66 11.49
CA PRO A 143 22.06 -34.38 10.55
C PRO A 143 21.94 -33.86 9.12
N ASP A 144 20.78 -33.28 8.77
CA ASP A 144 20.51 -32.78 7.43
C ASP A 144 20.97 -31.31 7.26
N GLU A 145 22.26 -31.09 7.52
CA GLU A 145 22.80 -29.75 7.63
C GLU A 145 24.32 -29.68 7.41
N CYS A 146 24.77 -28.74 6.61
CA CYS A 146 26.18 -28.54 6.35
C CYS A 146 26.62 -27.25 6.99
N LEU A 147 27.86 -27.21 7.45
CA LEU A 147 28.40 -26.03 8.07
C LEU A 147 29.15 -25.27 7.03
N TRP A 148 28.73 -24.04 6.78
CA TRP A 148 29.42 -23.16 5.84
C TRP A 148 30.56 -22.43 6.57
N MET A 149 31.80 -22.76 6.18
CA MET A 149 33.00 -22.38 6.92
C MET A 149 33.83 -21.37 6.19
N ASP A 150 33.37 -20.88 5.03
CA ASP A 150 34.23 -20.00 4.25
C ASP A 150 34.70 -18.78 5.01
N TRP A 151 33.84 -18.18 5.83
CA TRP A 151 34.15 -16.88 6.44
C TRP A 151 35.15 -17.10 7.52
N VAL A 152 34.85 -18.11 8.32
CA VAL A 152 35.64 -18.54 9.44
C VAL A 152 37.05 -19.02 8.99
N THR A 153 37.15 -19.74 7.87
CA THR A 153 38.45 -20.30 7.42
C THR A 153 39.17 -19.41 6.44
N GLU A 154 38.42 -18.60 5.69
CA GLU A 154 39.01 -17.80 4.62
C GLU A 154 38.81 -16.31 4.75
N LYS A 155 37.91 -15.87 5.63
CA LYS A 155 37.45 -14.47 5.63
C LYS A 155 37.06 -14.03 4.22
N ASN A 156 36.21 -14.83 3.56
CA ASN A 156 35.82 -14.61 2.18
C ASN A 156 34.48 -15.29 1.93
N ILE A 157 33.45 -14.52 1.59
CA ILE A 157 32.12 -15.11 1.42
C ILE A 157 32.09 -16.04 0.21
N ASN A 158 32.76 -15.65 -0.87
CA ASN A 158 32.92 -16.52 -2.05
C ASN A 158 34.15 -17.39 -1.88
N GLY A 159 34.16 -18.18 -0.82
CA GLY A 159 35.29 -19.01 -0.53
C GLY A 159 35.19 -20.36 -1.21
N HIS A 160 35.94 -21.28 -0.66
CA HIS A 160 36.13 -22.62 -1.18
C HIS A 160 34.80 -23.38 -1.30
N GLN A 161 34.02 -23.41 -0.20
CA GLN A 161 32.74 -24.12 -0.21
C GLN A 161 31.75 -23.45 -1.18
N ALA A 162 31.78 -22.13 -1.26
CA ALA A 162 30.97 -21.37 -2.19
C ALA A 162 31.29 -21.72 -3.61
N LYS A 163 32.58 -21.84 -3.91
CA LYS A 163 33.03 -22.03 -5.26
C LYS A 163 32.84 -23.46 -5.74
N PHE A 164 32.96 -24.41 -4.84
CA PHE A 164 33.13 -25.78 -5.32
C PHE A 164 32.20 -26.78 -4.71
N PHE A 165 31.48 -26.41 -3.66
CA PHE A 165 30.73 -27.39 -2.97
C PHE A 165 29.24 -27.14 -3.00
N ALA A 166 28.50 -28.23 -2.91
CA ALA A 166 27.07 -28.24 -2.66
C ALA A 166 26.79 -29.14 -1.48
N CYS A 167 25.72 -28.86 -0.76
CA CYS A 167 25.33 -29.54 0.45
C CYS A 167 24.19 -30.44 0.05
N ILE A 168 24.48 -31.75 -0.09
CA ILE A 168 23.57 -32.69 -0.67
C ILE A 168 23.19 -33.80 0.33
N LYS A 169 21.97 -34.26 0.21
CA LYS A 169 21.45 -35.30 1.07
C LYS A 169 21.96 -36.65 0.63
N ARG A 170 22.38 -37.43 1.61
CA ARG A 170 23.24 -38.58 1.44
C ARG A 170 22.48 -39.82 1.83
N SER A 171 22.29 -40.78 0.91
CA SER A 171 21.30 -41.83 1.14
C SER A 171 21.58 -42.39 2.51
N ASP A 172 20.49 -42.61 3.25
CA ASP A 172 20.42 -42.25 4.68
C ASP A 172 19.90 -40.78 4.73
N GLY A 173 19.85 -40.13 5.89
CA GLY A 173 19.31 -38.76 6.01
C GLY A 173 20.28 -37.62 6.27
N SER A 174 21.57 -37.91 6.47
CA SER A 174 22.58 -36.88 6.67
C SER A 174 22.87 -36.06 5.38
N CYS A 175 23.24 -34.80 5.55
CA CYS A 175 23.63 -33.99 4.40
C CYS A 175 25.09 -33.78 4.58
N ALA A 176 25.80 -33.57 3.48
CA ALA A 176 27.24 -33.31 3.54
C ALA A 176 27.67 -32.50 2.34
N TRP A 177 28.78 -31.78 2.47
CA TRP A 177 29.39 -31.10 1.35
C TRP A 177 29.96 -32.08 0.30
N TYR A 178 29.74 -31.79 -0.98
CA TYR A 178 30.25 -32.55 -2.09
C TYR A 178 30.81 -31.64 -3.12
N ARG A 179 31.96 -32.00 -3.68
CA ARG A 179 32.57 -31.16 -4.69
C ARG A 179 32.02 -31.52 -6.09
N GLY A 180 31.45 -32.73 -6.20
CA GLY A 180 30.41 -33.00 -7.19
C GLY A 180 30.68 -33.89 -8.38
N ALA A 181 30.28 -33.38 -9.55
CA ALA A 181 30.19 -34.10 -10.83
C ALA A 181 29.64 -33.14 -11.90
N ALA A 182 29.45 -33.65 -13.11
CA ALA A 182 29.04 -32.85 -14.27
C ALA A 182 29.99 -31.67 -14.47
N CYS B 1 -20.59 6.73 3.81
CA CYS B 1 -20.23 6.87 2.36
C CYS B 1 -21.33 7.58 1.58
N SER B 2 -20.94 8.62 0.85
CA SER B 2 -21.83 9.38 -0.02
C SER B 2 -21.30 9.32 -1.47
N CYS B 3 -22.20 9.00 -2.40
CA CYS B 3 -21.84 8.78 -3.79
C CYS B 3 -22.56 9.77 -4.64
N SER B 4 -21.89 10.33 -5.64
CA SER B 4 -22.62 10.99 -6.65
C SER B 4 -22.61 10.08 -7.88
N PRO B 5 -23.71 10.13 -8.63
CA PRO B 5 -23.82 9.27 -9.77
C PRO B 5 -22.82 9.61 -10.87
N VAL B 6 -22.64 8.61 -11.70
CA VAL B 6 -21.60 8.58 -12.70
C VAL B 6 -22.28 8.11 -13.97
N HIS B 7 -22.07 8.84 -15.06
CA HIS B 7 -22.56 8.38 -16.38
C HIS B 7 -21.60 7.22 -16.72
N PRO B 8 -22.10 6.15 -17.34
CA PRO B 8 -21.26 5.00 -17.68
C PRO B 8 -19.92 5.32 -18.38
N GLN B 9 -19.93 6.25 -19.30
CA GLN B 9 -18.71 6.71 -19.96
C GLN B 9 -17.68 7.28 -19.01
N GLN B 10 -18.11 8.12 -18.06
CA GLN B 10 -17.20 8.62 -16.99
C GLN B 10 -16.56 7.47 -16.28
N ALA B 11 -17.38 6.51 -15.87
CA ALA B 11 -16.88 5.35 -15.14
C ALA B 11 -15.86 4.59 -15.91
N PHE B 12 -16.21 4.31 -17.14
CA PHE B 12 -15.34 3.62 -18.04
C PHE B 12 -14.01 4.37 -18.21
N CYS B 13 -14.08 5.68 -18.36
CA CYS B 13 -12.87 6.45 -18.62
C CYS B 13 -12.05 6.57 -17.32
N ASN B 14 -12.71 6.71 -16.19
CA ASN B 14 -12.00 6.97 -14.95
C ASN B 14 -11.36 5.71 -14.37
N ALA B 15 -11.92 4.55 -14.68
CA ALA B 15 -11.50 3.28 -14.11
C ALA B 15 -10.31 2.77 -14.89
N ASP B 16 -9.43 2.06 -14.19
CA ASP B 16 -8.35 1.23 -14.72
C ASP B 16 -8.85 -0.04 -15.32
N VAL B 17 -9.83 -0.65 -14.68
CA VAL B 17 -10.31 -1.93 -15.12
C VAL B 17 -11.80 -1.87 -15.32
N VAL B 18 -12.22 -2.41 -16.46
CA VAL B 18 -13.62 -2.62 -16.70
C VAL B 18 -13.82 -4.04 -17.21
N ILE B 19 -14.68 -4.79 -16.53
CA ILE B 19 -14.98 -6.18 -16.84
C ILE B 19 -16.43 -6.53 -16.60
N ARG B 20 -16.85 -7.56 -17.35
CA ARG B 20 -18.07 -8.31 -17.11
C ARG B 20 -17.71 -9.46 -16.19
N ALA B 21 -18.42 -9.60 -15.07
CA ALA B 21 -18.08 -10.71 -14.15
C ALA B 21 -19.29 -11.16 -13.34
N LYS B 22 -19.15 -12.35 -12.74
CA LYS B 22 -20.07 -12.76 -11.66
C LYS B 22 -19.26 -13.22 -10.45
N ALA B 23 -19.80 -12.96 -9.28
CA ALA B 23 -19.08 -13.27 -8.05
C ALA B 23 -19.53 -14.65 -7.57
N VAL B 24 -18.58 -15.53 -7.24
CA VAL B 24 -18.90 -16.91 -6.86
C VAL B 24 -18.94 -17.05 -5.34
N SER B 25 -17.92 -16.51 -4.66
CA SER B 25 -17.81 -16.57 -3.20
C SER B 25 -17.38 -15.25 -2.53
N GLU B 26 -17.66 -15.16 -1.24
CA GLU B 26 -17.34 -14.00 -0.40
C GLU B 26 -16.62 -14.42 0.88
N LYS B 27 -15.66 -13.62 1.34
CA LYS B 27 -15.07 -13.82 2.67
C LYS B 27 -14.21 -12.65 3.12
N GLU B 28 -14.12 -12.46 4.43
CA GLU B 28 -13.20 -11.48 5.04
C GLU B 28 -11.74 -11.92 4.98
N VAL B 29 -10.86 -10.95 4.83
CA VAL B 29 -9.43 -11.18 4.89
C VAL B 29 -8.79 -10.02 5.61
N ASP B 30 -7.50 -10.17 5.86
CA ASP B 30 -6.70 -9.22 6.65
C ASP B 30 -5.72 -8.46 5.76
N SER B 31 -5.11 -7.45 6.35
CA SER B 31 -3.99 -6.73 5.72
C SER B 31 -2.78 -6.40 6.62
N GLY B 32 -2.77 -6.70 7.93
CA GLY B 32 -3.91 -6.69 8.84
C GLY B 32 -3.55 -6.57 10.33
N ASN B 33 -3.56 -5.39 10.96
CA ASN B 33 -3.29 -4.08 10.36
C ASN B 33 -3.04 -2.95 11.36
N ASP B 34 -2.77 -1.78 10.79
CA ASP B 34 -3.24 -0.49 11.32
C ASP B 34 -2.35 0.20 12.37
N ILE B 35 -2.36 1.53 12.29
CA ILE B 35 -1.55 2.43 13.13
C ILE B 35 -2.01 2.42 14.61
N TYR B 36 -3.26 2.00 14.86
CA TYR B 36 -3.76 1.72 16.22
C TYR B 36 -3.76 0.20 16.40
N GLY B 37 -4.23 -0.31 17.53
CA GLY B 37 -4.39 -1.75 17.66
C GLY B 37 -5.15 -2.47 16.52
N ASN B 38 -6.06 -1.76 15.85
CA ASN B 38 -7.17 -2.41 15.11
C ASN B 38 -6.83 -3.22 13.83
N PRO B 39 -7.52 -4.35 13.62
CA PRO B 39 -7.25 -5.05 12.37
C PRO B 39 -8.04 -4.43 11.21
N ILE B 40 -7.37 -4.26 10.06
CA ILE B 40 -8.03 -3.74 8.84
C ILE B 40 -8.54 -4.97 8.11
N LYS B 41 -9.84 -5.02 7.96
CA LYS B 41 -10.45 -6.11 7.25
C LYS B 41 -10.89 -5.56 5.88
N ARG B 42 -10.80 -6.41 4.86
CA ARG B 42 -11.51 -6.17 3.59
C ARG B 42 -12.24 -7.44 3.15
N ILE B 43 -13.44 -7.25 2.59
CA ILE B 43 -14.17 -8.32 1.94
C ILE B 43 -13.50 -8.65 0.63
N GLN B 44 -13.23 -9.93 0.41
CA GLN B 44 -12.64 -10.40 -0.82
C GLN B 44 -13.71 -11.21 -1.53
N TYR B 45 -14.15 -10.75 -2.70
CA TYR B 45 -14.98 -11.57 -3.55
C TYR B 45 -14.07 -12.37 -4.50
N GLU B 46 -14.40 -13.66 -4.64
CA GLU B 46 -13.81 -14.51 -5.69
C GLU B 46 -14.73 -14.38 -6.91
N ILE B 47 -14.15 -14.07 -8.06
CA ILE B 47 -15.00 -13.81 -9.22
C ILE B 47 -14.53 -14.60 -10.40
N LYS B 48 -15.46 -14.81 -11.33
CA LYS B 48 -15.03 -15.25 -12.63
C LYS B 48 -15.12 -14.10 -13.66
N GLN B 49 -13.97 -13.71 -14.21
CA GLN B 49 -13.95 -12.75 -15.30
C GLN B 49 -14.55 -13.34 -16.58
N ILE B 50 -15.73 -12.87 -16.95
CA ILE B 50 -16.36 -13.29 -18.19
C ILE B 50 -15.69 -12.58 -19.36
N LYS B 51 -15.33 -11.30 -19.20
CA LYS B 51 -14.76 -10.50 -20.30
C LYS B 51 -14.15 -9.19 -19.81
N MET B 52 -13.06 -8.79 -20.44
CA MET B 52 -12.44 -7.51 -20.13
C MET B 52 -12.53 -6.50 -21.29
N PHE B 53 -13.10 -5.32 -21.01
CA PHE B 53 -13.17 -4.22 -21.97
C PHE B 53 -11.98 -3.31 -21.81
N LYS B 54 -11.40 -3.28 -20.64
CA LYS B 54 -10.33 -2.34 -20.36
C LYS B 54 -9.62 -2.92 -19.18
N GLY B 55 -8.30 -2.89 -19.22
CA GLY B 55 -7.48 -3.18 -18.05
C GLY B 55 -6.47 -4.28 -18.36
N PRO B 56 -5.34 -4.34 -17.61
CA PRO B 56 -4.11 -5.16 -17.86
C PRO B 56 -4.30 -6.63 -18.34
N GLU B 57 -3.19 -7.26 -18.75
CA GLU B 57 -3.24 -8.61 -19.33
C GLU B 57 -3.79 -9.70 -18.38
N LYS B 58 -3.39 -9.69 -17.11
CA LYS B 58 -3.79 -10.75 -16.19
C LYS B 58 -5.22 -10.69 -15.67
N ASP B 59 -6.04 -11.69 -15.97
CA ASP B 59 -7.45 -11.70 -15.55
C ASP B 59 -7.69 -11.40 -14.08
N ILE B 60 -8.79 -10.71 -13.79
CA ILE B 60 -9.16 -10.45 -12.41
C ILE B 60 -9.77 -11.72 -11.81
N GLU B 61 -9.26 -12.16 -10.64
CA GLU B 61 -9.86 -13.31 -9.92
C GLU B 61 -10.48 -12.88 -8.58
N PHE B 62 -9.99 -11.76 -8.02
CA PHE B 62 -10.50 -11.23 -6.76
C PHE B 62 -10.82 -9.72 -6.81
N ILE B 63 -12.00 -9.38 -6.28
CA ILE B 63 -12.34 -8.00 -6.07
C ILE B 63 -12.48 -7.73 -4.55
N TYR B 64 -11.79 -6.70 -4.08
CA TYR B 64 -11.86 -6.25 -2.70
C TYR B 64 -12.73 -5.04 -2.55
N THR B 65 -13.29 -4.89 -1.35
CA THR B 65 -14.06 -3.73 -0.99
C THR B 65 -14.07 -3.69 0.53
N ALA B 66 -14.45 -2.55 1.10
CA ALA B 66 -14.52 -2.41 2.54
C ALA B 66 -15.62 -3.26 3.16
N PRO B 67 -15.45 -3.61 4.46
CA PRO B 67 -16.47 -4.32 5.22
C PRO B 67 -17.71 -3.54 5.52
N SER B 68 -17.60 -2.26 5.85
CA SER B 68 -18.84 -1.51 6.09
C SER B 68 -19.14 -0.54 4.97
N SER B 69 -20.42 -0.35 4.71
CA SER B 69 -20.87 0.57 3.71
C SER B 69 -20.56 2.02 4.13
N ALA B 70 -20.23 2.24 5.41
CA ALA B 70 -19.86 3.57 5.89
C ALA B 70 -18.63 4.10 5.19
N VAL B 71 -17.69 3.17 4.98
CA VAL B 71 -16.45 3.43 4.23
C VAL B 71 -16.56 2.96 2.75
N CYS B 72 -17.77 2.87 2.21
CA CYS B 72 -18.03 2.65 0.77
C CYS B 72 -17.88 1.20 0.32
N GLY B 73 -17.97 0.28 1.28
CA GLY B 73 -17.98 -1.15 0.92
C GLY B 73 -19.23 -1.47 0.12
N VAL B 74 -19.12 -2.37 -0.86
CA VAL B 74 -20.29 -2.79 -1.70
C VAL B 74 -20.60 -4.27 -1.53
N SER B 75 -21.88 -4.64 -1.55
CA SER B 75 -22.29 -6.07 -1.63
C SER B 75 -22.52 -6.46 -3.10
N LEU B 76 -21.82 -7.49 -3.56
CA LEU B 76 -22.20 -8.21 -4.76
C LEU B 76 -23.04 -9.45 -4.40
N ASP B 77 -24.02 -9.76 -5.24
CA ASP B 77 -24.84 -10.95 -5.12
C ASP B 77 -23.96 -12.17 -5.46
N VAL B 78 -23.56 -12.90 -4.43
CA VAL B 78 -22.60 -13.99 -4.55
C VAL B 78 -23.34 -15.34 -4.58
N GLY B 79 -22.61 -16.39 -4.99
CA GLY B 79 -23.08 -17.76 -5.03
C GLY B 79 -23.05 -18.23 -6.46
N GLY B 80 -22.70 -17.31 -7.37
CA GLY B 80 -22.55 -17.64 -8.77
C GLY B 80 -23.92 -17.65 -9.41
N LYS B 81 -24.20 -16.57 -10.15
CA LYS B 81 -25.44 -16.44 -10.94
C LYS B 81 -25.62 -15.01 -11.46
N LYS B 82 -25.34 -13.99 -10.64
CA LYS B 82 -25.63 -12.60 -11.01
C LYS B 82 -24.41 -11.97 -11.69
N GLU B 83 -24.61 -11.58 -12.95
CA GLU B 83 -23.53 -11.00 -13.75
C GLU B 83 -23.53 -9.49 -13.58
N TYR B 84 -22.34 -8.90 -13.52
CA TYR B 84 -22.23 -7.46 -13.35
C TYR B 84 -21.25 -6.88 -14.39
N LEU B 85 -21.51 -5.65 -14.74
CA LEU B 85 -20.44 -4.84 -15.33
C LEU B 85 -19.79 -4.14 -14.16
N ILE B 86 -18.47 -4.25 -14.07
CA ILE B 86 -17.72 -3.68 -12.97
C ILE B 86 -16.57 -2.80 -13.46
N ALA B 87 -16.63 -1.54 -13.07
CA ALA B 87 -15.55 -0.57 -13.36
C ALA B 87 -14.86 -0.21 -12.04
N GLY B 88 -13.54 -0.39 -11.99
CA GLY B 88 -12.81 -0.17 -10.73
C GLY B 88 -11.32 -0.01 -10.92
N LYS B 89 -10.57 -0.15 -9.85
CA LYS B 89 -9.14 0.21 -9.84
C LYS B 89 -8.23 -1.02 -9.65
N ALA B 90 -7.20 -1.13 -10.49
CA ALA B 90 -6.30 -2.25 -10.48
C ALA B 90 -5.48 -2.18 -9.22
N GLU B 91 -5.14 -3.34 -8.70
CA GLU B 91 -4.49 -3.41 -7.42
C GLU B 91 -3.55 -4.58 -7.51
N GLY B 92 -2.65 -4.55 -8.49
CA GLY B 92 -1.77 -5.68 -8.72
C GLY B 92 -2.45 -6.91 -9.30
N ASP B 93 -1.63 -7.79 -9.86
CA ASP B 93 -2.06 -8.91 -10.69
C ASP B 93 -3.29 -9.67 -10.20
N GLY B 94 -4.33 -9.67 -11.03
CA GLY B 94 -5.54 -10.46 -10.74
C GLY B 94 -6.40 -9.93 -9.61
N LYS B 95 -6.09 -8.73 -9.15
CA LYS B 95 -6.84 -8.09 -8.09
C LYS B 95 -7.25 -6.67 -8.46
N MET B 96 -8.44 -6.29 -8.02
CA MET B 96 -8.90 -4.92 -8.17
C MET B 96 -9.68 -4.57 -6.91
N HIS B 97 -9.97 -3.28 -6.71
CA HIS B 97 -10.96 -2.93 -5.70
C HIS B 97 -12.04 -2.02 -6.22
N ILE B 98 -13.21 -2.13 -5.58
CA ILE B 98 -14.39 -1.39 -5.92
C ILE B 98 -14.97 -0.73 -4.68
N THR B 99 -15.84 0.24 -4.90
CA THR B 99 -16.55 0.89 -3.84
C THR B 99 -17.97 1.08 -4.26
N LEU B 100 -18.79 1.39 -3.26
CA LEU B 100 -20.23 1.69 -3.45
C LEU B 100 -20.49 2.68 -4.53
N CYS B 101 -19.52 3.55 -4.79
CA CYS B 101 -19.73 4.65 -5.69
C CYS B 101 -19.17 4.38 -7.07
N ASP B 102 -18.57 3.22 -7.24
CA ASP B 102 -18.12 2.74 -8.56
C ASP B 102 -19.29 2.32 -9.45
N PHE B 103 -19.11 2.39 -10.74
CA PHE B 103 -20.17 1.95 -11.65
C PHE B 103 -20.18 0.44 -11.62
N ILE B 104 -21.24 -0.10 -11.05
CA ILE B 104 -21.37 -1.54 -10.89
C ILE B 104 -22.86 -1.84 -11.05
N VAL B 105 -23.23 -2.43 -12.17
CA VAL B 105 -24.61 -2.72 -12.45
C VAL B 105 -24.75 -4.13 -12.97
N PRO B 106 -25.92 -4.76 -12.71
CA PRO B 106 -26.16 -6.07 -13.26
C PRO B 106 -26.08 -5.99 -14.79
N TRP B 107 -25.34 -6.88 -15.40
CA TRP B 107 -25.26 -6.92 -16.83
C TRP B 107 -26.62 -6.66 -17.52
N ASP B 108 -27.64 -7.35 -17.02
CA ASP B 108 -28.92 -7.49 -17.68
C ASP B 108 -29.75 -6.22 -17.57
N THR B 109 -29.27 -5.25 -16.79
CA THR B 109 -29.87 -3.90 -16.78
C THR B 109 -29.37 -3.01 -17.92
N LEU B 110 -28.22 -3.33 -18.51
CA LEU B 110 -27.63 -2.47 -19.56
C LEU B 110 -28.43 -2.43 -20.86
N SER B 111 -28.61 -1.24 -21.45
CA SER B 111 -29.13 -1.14 -22.79
C SER B 111 -28.13 -1.74 -23.75
N THR B 112 -28.63 -2.08 -24.92
CA THR B 112 -27.83 -2.65 -26.01
C THR B 112 -26.69 -1.69 -26.41
N THR B 113 -26.97 -0.38 -26.43
CA THR B 113 -25.99 0.62 -26.82
C THR B 113 -24.92 0.74 -25.76
N GLN B 114 -25.32 0.77 -24.49
CA GLN B 114 -24.32 0.69 -23.40
C GLN B 114 -23.37 -0.46 -23.60
N LYS B 115 -23.90 -1.66 -23.86
CA LYS B 115 -22.97 -2.80 -24.00
C LYS B 115 -21.98 -2.67 -25.16
N LYS B 116 -22.50 -2.23 -26.31
CA LYS B 116 -21.64 -2.04 -27.49
C LYS B 116 -20.62 -0.92 -27.30
N SER B 117 -21.05 0.14 -26.63
CA SER B 117 -20.19 1.25 -26.30
C SER B 117 -18.91 0.93 -25.55
N LEU B 118 -18.93 -0.20 -24.86
CA LEU B 118 -17.78 -0.61 -24.11
C LEU B 118 -16.62 -0.97 -25.00
N ASN B 119 -16.89 -1.28 -26.26
CA ASN B 119 -15.81 -1.72 -27.14
C ASN B 119 -14.98 -0.58 -27.63
N HIS B 120 -15.57 0.62 -27.73
CA HIS B 120 -14.83 1.73 -28.33
C HIS B 120 -15.41 3.13 -28.14
N ARG B 121 -16.73 3.23 -28.20
CA ARG B 121 -17.35 4.53 -28.22
C ARG B 121 -17.08 5.36 -26.95
N TYR B 122 -17.18 4.72 -25.77
CA TYR B 122 -16.87 5.44 -24.54
C TYR B 122 -15.42 5.98 -24.52
N GLN B 123 -14.52 5.15 -24.99
CA GLN B 123 -13.12 5.54 -25.10
C GLN B 123 -12.95 6.77 -25.97
N MET B 124 -13.63 6.80 -27.12
CA MET B 124 -13.51 7.92 -28.03
C MET B 124 -13.87 9.19 -27.30
N GLY B 125 -14.64 9.09 -26.23
CA GLY B 125 -14.99 10.28 -25.49
C GLY B 125 -14.22 10.65 -24.22
N CYS B 126 -13.16 9.94 -23.85
CA CYS B 126 -12.56 10.14 -22.53
C CYS B 126 -11.94 11.53 -22.37
N GLU B 127 -11.47 12.10 -23.47
CA GLU B 127 -10.95 13.45 -23.45
C GLU B 127 -12.09 14.42 -23.17
N CYS B 128 -13.35 13.97 -23.28
CA CYS B 128 -14.48 14.87 -23.03
C CYS B 128 -14.91 14.89 -21.59
N LYS B 129 -15.35 16.06 -21.14
CA LYS B 129 -15.85 16.20 -19.79
C LYS B 129 -17.34 16.01 -19.82
N ILE B 130 -17.87 15.25 -18.88
CA ILE B 130 -19.30 15.05 -18.74
C ILE B 130 -19.72 15.59 -17.39
N THR B 131 -20.54 16.66 -17.42
CA THR B 131 -20.81 17.48 -16.26
C THR B 131 -22.25 17.34 -15.92
N ARG B 132 -22.51 16.71 -14.78
CA ARG B 132 -23.84 16.44 -14.33
C ARG B 132 -24.45 17.74 -13.87
N CYS B 133 -25.29 18.33 -14.71
CA CYS B 133 -25.95 19.58 -14.39
C CYS B 133 -26.78 19.31 -13.15
N PRO B 134 -26.43 19.93 -12.01
CA PRO B 134 -27.21 19.71 -10.79
C PRO B 134 -28.62 20.32 -10.92
N MET B 135 -28.70 21.52 -11.50
CA MET B 135 -29.97 22.23 -11.65
C MET B 135 -29.96 23.28 -12.81
N ILE B 136 -31.12 23.49 -13.43
CA ILE B 136 -31.30 24.29 -14.69
C ILE B 136 -31.49 25.81 -14.43
N PRO B 137 -30.81 26.69 -15.24
CA PRO B 137 -29.93 26.42 -16.36
C PRO B 137 -28.46 26.23 -15.95
N CYS B 138 -27.72 25.51 -16.79
CA CYS B 138 -26.32 25.18 -16.57
C CYS B 138 -25.61 25.33 -17.91
N TYR B 139 -24.31 25.64 -17.85
CA TYR B 139 -23.47 26.01 -19.01
C TYR B 139 -22.20 25.17 -19.08
N ILE B 140 -21.76 24.89 -20.31
CA ILE B 140 -20.47 24.23 -20.49
C ILE B 140 -19.33 25.02 -19.90
N SER B 141 -19.15 26.25 -20.35
CA SER B 141 -17.90 27.00 -20.08
C SER B 141 -16.77 26.65 -21.09
N SER B 142 -16.50 25.36 -21.27
CA SER B 142 -15.39 24.87 -22.08
C SER B 142 -15.95 24.03 -23.25
N PRO B 143 -15.32 24.08 -24.45
CA PRO B 143 -15.93 23.44 -25.62
C PRO B 143 -15.90 21.90 -25.61
N ASP B 144 -14.87 21.32 -24.97
CA ASP B 144 -14.70 19.86 -24.89
C ASP B 144 -15.45 19.25 -23.69
N GLU B 145 -16.76 19.49 -23.67
CA GLU B 145 -17.56 19.14 -22.53
C GLU B 145 -19.04 19.01 -22.89
N CYS B 146 -19.69 17.97 -22.39
CA CYS B 146 -21.13 17.77 -22.60
C CYS B 146 -21.82 17.96 -21.30
N LEU B 147 -23.03 18.47 -21.36
CA LEU B 147 -23.82 18.67 -20.16
C LEU B 147 -24.70 17.44 -19.98
N TRP B 148 -24.53 16.72 -18.87
CA TRP B 148 -25.36 15.58 -18.56
C TRP B 148 -26.62 16.10 -17.92
N MET B 149 -27.75 15.91 -18.60
CA MET B 149 -28.99 16.54 -18.24
C MET B 149 -29.99 15.56 -17.71
N ASP B 150 -29.64 14.30 -17.55
CA ASP B 150 -30.63 13.31 -17.16
C ASP B 150 -31.33 13.64 -15.85
N TRP B 151 -30.60 14.14 -14.85
CA TRP B 151 -31.20 14.34 -13.53
C TRP B 151 -32.14 15.52 -13.57
N VAL B 152 -31.61 16.59 -14.16
CA VAL B 152 -32.31 17.83 -14.35
C VAL B 152 -33.57 17.69 -15.24
N THR B 153 -33.52 16.90 -16.30
CA THR B 153 -34.68 16.73 -17.19
C THR B 153 -35.56 15.54 -16.84
N GLU B 154 -34.99 14.51 -16.22
CA GLU B 154 -35.71 13.27 -15.98
C GLU B 154 -35.78 12.88 -14.51
N LYS B 155 -35.02 13.53 -13.63
CA LYS B 155 -34.88 13.05 -12.25
C LYS B 155 -34.60 11.54 -12.24
N ASN B 156 -33.61 11.14 -13.04
CA ASN B 156 -33.26 9.72 -13.21
C ASN B 156 -31.80 9.65 -13.63
N ILE B 157 -30.97 9.00 -12.80
CA ILE B 157 -29.53 8.94 -13.11
C ILE B 157 -29.27 8.07 -14.34
N ASN B 158 -29.99 6.95 -14.47
CA ASN B 158 -29.90 6.10 -15.66
C ASN B 158 -30.91 6.57 -16.70
N GLY B 159 -30.80 7.83 -17.09
CA GLY B 159 -31.75 8.45 -18.01
C GLY B 159 -31.33 8.22 -19.44
N HIS B 160 -31.87 9.09 -20.29
CA HIS B 160 -31.75 9.00 -21.74
C HIS B 160 -30.27 9.03 -22.19
N GLN B 161 -29.55 10.05 -21.71
CA GLN B 161 -28.17 10.22 -22.08
C GLN B 161 -27.31 9.04 -21.54
N ALA B 162 -27.62 8.55 -20.35
CA ALA B 162 -26.94 7.38 -19.77
C ALA B 162 -27.13 6.16 -20.59
N LYS B 163 -28.34 5.98 -21.07
CA LYS B 163 -28.68 4.74 -21.77
C LYS B 163 -28.21 4.71 -23.22
N PHE B 164 -28.16 5.86 -23.86
CA PHE B 164 -27.99 5.85 -25.31
C PHE B 164 -26.92 6.78 -25.84
N PHE B 165 -26.40 7.66 -25.02
CA PHE B 165 -25.51 8.64 -25.55
C PHE B 165 -24.08 8.49 -25.01
N ALA B 166 -23.17 8.97 -25.82
CA ALA B 166 -21.79 9.14 -25.41
C ALA B 166 -21.40 10.53 -25.79
N CYS B 167 -20.44 11.07 -25.06
CA CYS B 167 -19.96 12.44 -25.24
C CYS B 167 -18.64 12.33 -25.93
N ILE B 168 -18.62 12.60 -27.23
CA ILE B 168 -17.47 12.32 -28.07
C ILE B 168 -16.83 13.58 -28.61
N LYS B 169 -15.52 13.52 -28.83
CA LYS B 169 -14.75 14.63 -29.38
C LYS B 169 -14.73 14.62 -30.90
N ARG B 170 -14.89 15.82 -31.45
CA ARG B 170 -14.98 16.04 -32.90
C ARG B 170 -13.68 16.67 -33.42
N SER B 171 -13.44 16.59 -34.74
CA SER B 171 -12.35 17.37 -35.34
C SER B 171 -12.56 18.78 -34.81
N ASP B 172 -11.52 19.58 -34.70
CA ASP B 172 -11.65 20.98 -34.19
C ASP B 172 -11.48 21.04 -32.67
N GLY B 173 -12.19 20.17 -31.94
CA GLY B 173 -12.00 20.02 -30.49
C GLY B 173 -13.17 20.24 -29.55
N SER B 174 -14.32 20.69 -30.06
CA SER B 174 -15.59 20.61 -29.30
C SER B 174 -15.93 19.12 -28.96
N CYS B 175 -16.80 18.89 -27.96
CA CYS B 175 -17.37 17.55 -27.70
C CYS B 175 -18.87 17.72 -27.83
N ALA B 176 -19.58 16.64 -28.16
CA ALA B 176 -21.05 16.64 -28.23
C ALA B 176 -21.61 15.29 -27.94
N TRP B 177 -22.85 15.22 -27.44
CA TRP B 177 -23.55 13.95 -27.30
C TRP B 177 -23.88 13.30 -28.68
N TYR B 178 -23.65 11.99 -28.78
CA TYR B 178 -23.96 11.25 -29.99
C TYR B 178 -24.68 10.05 -29.51
N ARG B 179 -25.68 9.59 -30.27
CA ARG B 179 -26.38 8.37 -29.91
C ARG B 179 -25.68 7.14 -30.46
N GLY B 180 -25.62 6.09 -29.67
CA GLY B 180 -25.09 4.80 -30.13
C GLY B 180 -26.15 4.22 -31.06
N ALA B 181 -25.76 3.82 -32.25
CA ALA B 181 -26.73 3.76 -33.36
C ALA B 181 -28.14 3.31 -32.94
N ALA B 182 -28.26 2.08 -32.44
CA ALA B 182 -29.54 1.55 -31.95
C ALA B 182 -29.37 0.73 -30.67
N MET C 7 14.86 14.86 1.24
CA MET C 7 15.75 15.38 2.32
C MET C 7 16.96 14.44 2.52
N PRO C 8 18.21 14.98 2.49
CA PRO C 8 19.26 14.07 2.97
C PRO C 8 19.32 14.11 4.50
N LYS C 9 18.58 15.03 5.12
CA LYS C 9 18.55 15.15 6.56
C LYS C 9 17.21 15.65 7.06
N TRP C 10 16.92 15.37 8.32
CA TRP C 10 15.79 15.95 9.06
C TRP C 10 16.09 17.42 9.33
N ARG C 11 15.07 18.27 9.09
CA ARG C 11 15.13 19.70 9.36
C ARG C 11 14.81 20.08 10.81
N LYS C 12 14.83 19.12 11.76
CA LYS C 12 14.64 19.39 13.22
C LYS C 12 15.61 18.63 14.14
N THR C 13 15.65 19.01 15.39
CA THR C 13 16.57 18.47 16.39
C THR C 13 15.94 17.37 17.25
N HIS C 14 14.63 17.49 17.44
CA HIS C 14 13.87 16.66 18.35
C HIS C 14 13.01 15.80 17.43
N LEU C 15 13.27 14.52 17.47
CA LEU C 15 12.59 13.58 16.57
C LEU C 15 11.76 12.60 17.39
N THR C 16 10.70 12.07 16.77
CA THR C 16 9.97 11.03 17.46
C THR C 16 10.04 9.66 16.80
N TYR C 17 9.90 8.65 17.63
CA TYR C 17 9.85 7.30 17.16
C TYR C 17 8.76 6.56 17.89
N ARG C 18 8.26 5.53 17.24
CA ARG C 18 7.34 4.61 17.89
C ARG C 18 7.55 3.17 17.42
N ILE C 19 7.50 2.26 18.40
CA ILE C 19 7.61 0.84 18.16
C ILE C 19 6.21 0.31 17.97
N VAL C 20 5.84 0.12 16.71
CA VAL C 20 4.45 -0.07 16.31
C VAL C 20 3.95 -1.45 16.67
N ASN C 21 4.83 -2.44 16.55
CA ASN C 21 4.45 -3.85 16.78
C ASN C 21 5.68 -4.60 17.21
N TYR C 22 5.53 -5.87 17.56
CA TYR C 22 6.51 -6.55 18.40
C TYR C 22 6.71 -8.00 17.88
N THR C 23 7.97 -8.41 17.78
CA THR C 23 8.33 -9.76 17.30
C THR C 23 8.05 -10.80 18.38
N PRO C 24 7.55 -11.99 17.99
CA PRO C 24 7.33 -13.11 18.93
C PRO C 24 8.58 -13.61 19.57
N ASP C 25 9.73 -13.33 18.95
CA ASP C 25 10.99 -13.87 19.40
C ASP C 25 11.44 -13.23 20.71
N LEU C 26 10.76 -12.15 21.15
CA LEU C 26 11.32 -11.43 22.33
C LEU C 26 10.25 -10.77 23.16
N PRO C 27 10.45 -10.74 24.48
CA PRO C 27 9.48 -9.93 25.27
C PRO C 27 9.49 -8.44 24.79
N ARG C 28 8.34 -7.74 24.86
CA ARG C 28 8.28 -6.30 24.52
C ARG C 28 9.37 -5.45 25.20
N ASP C 29 9.65 -5.71 26.49
CA ASP C 29 10.64 -4.89 27.19
C ASP C 29 12.02 -5.06 26.53
N ALA C 30 12.31 -6.22 25.97
CA ALA C 30 13.66 -6.49 25.40
C ALA C 30 13.79 -5.81 24.04
N VAL C 31 12.71 -5.78 23.28
CA VAL C 31 12.68 -5.01 22.03
C VAL C 31 12.86 -3.53 22.37
N ASP C 32 12.03 -3.03 23.29
CA ASP C 32 12.13 -1.63 23.72
C ASP C 32 13.58 -1.21 24.05
N SER C 33 14.28 -2.06 24.78
CA SER C 33 15.59 -1.72 25.26
C SER C 33 16.64 -1.69 24.15
N ALA C 34 16.55 -2.67 23.23
CA ALA C 34 17.48 -2.74 22.12
C ALA C 34 17.35 -1.48 21.22
N ILE C 35 16.14 -1.05 20.96
CA ILE C 35 15.95 0.11 20.13
C ILE C 35 16.41 1.43 20.82
N GLU C 36 16.09 1.56 22.11
CA GLU C 36 16.60 2.64 22.97
C GLU C 36 18.11 2.71 22.92
N LYS C 37 18.79 1.59 23.12
CA LYS C 37 20.26 1.62 22.97
C LYS C 37 20.76 2.03 21.54
N ALA C 38 20.08 1.55 20.52
CA ALA C 38 20.46 1.85 19.14
C ALA C 38 20.33 3.33 18.85
N LEU C 39 19.33 3.96 19.42
CA LEU C 39 19.15 5.41 19.32
C LEU C 39 20.25 6.15 20.04
N LYS C 40 20.45 5.77 21.27
CA LYS C 40 21.52 6.29 22.09
C LYS C 40 22.79 6.43 21.28
N VAL C 41 23.10 5.40 20.50
CA VAL C 41 24.32 5.37 19.71
C VAL C 41 24.46 6.69 18.89
N TRP C 42 23.34 7.17 18.36
CA TRP C 42 23.32 8.32 17.52
C TRP C 42 23.11 9.60 18.38
N GLU C 43 22.40 9.49 19.51
CA GLU C 43 22.28 10.60 20.43
C GLU C 43 23.61 10.98 21.02
N GLU C 44 24.55 10.04 21.21
CA GLU C 44 25.78 10.47 21.86
C GLU C 44 26.73 11.33 21.06
N VAL C 45 26.56 11.40 19.76
CA VAL C 45 27.51 12.09 18.91
C VAL C 45 26.84 13.16 18.06
N THR C 46 25.61 13.53 18.39
CA THR C 46 24.90 14.57 17.66
C THR C 46 24.01 15.37 18.64
N PRO C 47 23.55 16.55 18.23
CA PRO C 47 22.63 17.30 19.04
C PRO C 47 21.18 16.81 18.89
N LEU C 48 21.02 15.63 18.33
CA LEU C 48 19.70 15.01 18.23
C LEU C 48 19.27 14.43 19.57
N THR C 49 17.99 14.62 19.84
CA THR C 49 17.28 13.88 20.89
C THR C 49 15.99 13.28 20.31
N PHE C 50 15.69 12.08 20.76
CA PHE C 50 14.56 11.33 20.30
C PHE C 50 13.59 11.22 21.48
N SER C 51 12.29 11.22 21.22
CA SER C 51 11.32 10.87 22.26
C SER C 51 10.31 9.85 21.74
N ARG C 52 9.88 8.98 22.63
CA ARG C 52 9.01 7.89 22.28
C ARG C 52 7.55 8.29 22.25
N LEU C 53 6.82 7.86 21.22
CA LEU C 53 5.35 8.00 21.15
C LEU C 53 4.73 6.62 21.22
N TYR C 54 3.65 6.47 21.99
CA TYR C 54 2.96 5.15 22.13
C TYR C 54 1.69 5.10 21.29
N GLU C 55 1.36 6.17 20.62
CA GLU C 55 0.23 6.12 19.71
C GLU C 55 0.46 7.10 18.61
N GLY C 56 -0.23 6.93 17.49
CA GLY C 56 -0.17 7.88 16.38
C GLY C 56 1.11 7.74 15.56
N GLU C 57 1.43 8.76 14.78
CA GLU C 57 2.50 8.69 13.80
C GLU C 57 3.75 9.44 14.30
N ALA C 58 4.78 8.69 14.65
CA ALA C 58 6.10 9.27 14.97
C ALA C 58 6.89 9.42 13.67
N ASP C 59 7.96 10.21 13.71
CA ASP C 59 8.80 10.39 12.53
C ASP C 59 9.30 9.01 12.09
N ILE C 60 9.81 8.28 13.07
CA ILE C 60 10.43 7.00 12.80
C ILE C 60 9.54 5.90 13.33
N MET C 61 8.76 5.33 12.43
CA MET C 61 7.85 4.20 12.75
C MET C 61 8.64 2.94 12.54
N ILE C 62 8.84 2.20 13.62
CA ILE C 62 9.61 1.00 13.62
C ILE C 62 8.64 -0.20 13.72
N SER C 63 8.79 -1.18 12.81
CA SER C 63 7.98 -2.38 12.86
C SER C 63 8.64 -3.66 12.36
N PHE C 64 8.00 -4.77 12.71
CA PHE C 64 8.36 -6.10 12.27
C PHE C 64 7.35 -6.57 11.24
N ALA C 65 7.87 -7.14 10.16
CA ALA C 65 7.05 -7.69 9.10
C ALA C 65 7.75 -8.85 8.36
N VAL C 66 6.96 -9.62 7.63
CA VAL C 66 7.46 -10.78 6.86
C VAL C 66 6.94 -10.65 5.44
N LYS C 67 7.73 -11.10 4.48
CA LYS C 67 7.35 -11.04 3.07
C LYS C 67 6.73 -9.69 2.67
N GLU C 68 5.58 -9.68 1.98
CA GLU C 68 4.98 -8.43 1.56
C GLU C 68 4.33 -7.80 2.75
N HIS C 69 4.55 -6.51 2.89
CA HIS C 69 4.06 -5.79 4.05
C HIS C 69 3.70 -4.36 3.64
N GLY C 70 3.40 -4.17 2.35
CA GLY C 70 2.72 -2.97 1.85
C GLY C 70 3.63 -1.92 1.26
N ASP C 71 4.89 -2.23 1.02
CA ASP C 71 5.75 -1.15 0.61
C ASP C 71 6.52 -1.27 -0.67
N PHE C 72 6.23 -2.35 -1.39
CA PHE C 72 6.89 -2.69 -2.67
C PHE C 72 8.24 -3.34 -2.46
N TYR C 73 8.70 -3.41 -1.22
CA TYR C 73 9.95 -4.08 -0.92
C TYR C 73 9.71 -5.23 0.01
N SER C 74 9.27 -6.34 -0.57
CA SER C 74 8.93 -7.54 0.18
C SER C 74 10.10 -8.12 0.94
N PHE C 75 9.92 -8.55 2.18
CA PHE C 75 10.97 -9.38 2.75
C PHE C 75 11.10 -10.77 2.10
N ASP C 76 12.14 -11.52 2.45
CA ASP C 76 12.58 -12.57 1.55
C ASP C 76 12.82 -13.87 2.27
N GLY C 77 12.20 -14.02 3.44
CA GLY C 77 12.36 -15.21 4.26
C GLY C 77 13.63 -15.17 5.08
N PRO C 78 13.95 -16.26 5.77
CA PRO C 78 15.12 -16.38 6.60
C PRO C 78 16.38 -15.98 5.86
N GLY C 79 17.28 -15.28 6.54
CA GLY C 79 18.49 -14.72 5.92
C GLY C 79 18.28 -13.67 4.85
N HIS C 80 19.26 -13.53 4.00
CA HIS C 80 19.26 -12.56 2.98
C HIS C 80 19.10 -11.21 3.62
N SER C 81 18.05 -10.48 3.28
CA SER C 81 17.86 -9.15 3.83
CA SER C 81 17.85 -9.17 3.84
C SER C 81 17.21 -9.32 5.20
N LEU C 82 17.79 -8.64 6.16
CA LEU C 82 17.36 -8.75 7.57
C LEU C 82 16.51 -7.57 7.92
N ALA C 83 16.69 -6.49 7.20
CA ALA C 83 15.92 -5.29 7.50
C ALA C 83 16.24 -4.23 6.48
N HIS C 84 15.42 -3.20 6.50
CA HIS C 84 15.59 -2.07 5.63
C HIS C 84 14.89 -0.87 6.21
N ALA C 85 15.19 0.28 5.63
CA ALA C 85 14.79 1.57 6.22
C ALA C 85 14.77 2.64 5.14
N TYR C 86 14.16 3.76 5.45
CA TYR C 86 13.94 4.85 4.47
C TYR C 86 14.63 6.15 4.92
N PRO C 87 15.27 6.89 4.00
CA PRO C 87 15.90 8.17 4.41
C PRO C 87 14.89 9.21 4.91
N PRO C 88 15.35 10.31 5.50
CA PRO C 88 14.42 11.29 6.08
C PRO C 88 13.39 11.80 5.09
N GLY C 89 12.24 12.22 5.63
CA GLY C 89 11.06 12.47 4.84
C GLY C 89 9.78 12.23 5.62
N PRO C 90 8.63 12.54 4.98
CA PRO C 90 7.30 12.38 5.55
C PRO C 90 6.79 10.98 5.32
N GLY C 91 5.84 10.52 6.15
CA GLY C 91 5.18 9.20 5.99
C GLY C 91 6.15 8.04 6.18
N LEU C 92 6.28 7.24 5.14
CA LEU C 92 7.09 6.02 5.20
C LEU C 92 8.57 6.35 5.40
N TYR C 93 8.98 7.51 4.89
CA TYR C 93 10.34 7.95 5.04
C TYR C 93 10.74 8.04 6.45
N GLY C 94 11.97 7.64 6.71
CA GLY C 94 12.49 7.56 8.09
C GLY C 94 12.13 6.28 8.83
N ASP C 95 11.20 5.50 8.29
CA ASP C 95 10.69 4.31 8.98
C ASP C 95 11.66 3.13 8.89
N ILE C 96 11.55 2.21 9.84
CA ILE C 96 12.41 1.01 9.88
C ILE C 96 11.56 -0.26 9.91
N HIS C 97 11.83 -1.21 9.03
CA HIS C 97 11.20 -2.55 9.03
C HIS C 97 12.22 -3.65 9.20
N PHE C 98 11.93 -4.54 10.16
CA PHE C 98 12.70 -5.70 10.45
C PHE C 98 11.98 -6.89 9.89
N ASP C 99 12.76 -7.84 9.33
CA ASP C 99 12.18 -9.07 8.78
C ASP C 99 12.02 -10.08 9.90
N ASP C 100 10.77 -10.40 10.20
CA ASP C 100 10.50 -11.31 11.30
C ASP C 100 10.71 -12.78 10.93
N ASP C 101 11.11 -13.08 9.69
CA ASP C 101 11.63 -14.43 9.41
C ASP C 101 13.05 -14.66 9.91
N GLU C 102 13.68 -13.62 10.47
CA GLU C 102 14.87 -13.76 11.22
C GLU C 102 14.45 -14.07 12.62
N LYS C 103 15.36 -14.64 13.38
CA LYS C 103 15.15 -14.84 14.79
C LYS C 103 15.88 -13.73 15.50
N TRP C 104 15.16 -12.72 15.94
CA TRP C 104 15.75 -11.56 16.61
C TRP C 104 16.10 -11.89 18.04
N THR C 105 17.37 -11.64 18.39
CA THR C 105 17.85 -11.90 19.74
C THR C 105 18.52 -10.66 20.38
N GLU C 106 18.74 -10.75 21.70
CA GLU C 106 19.46 -9.76 22.50
C GLU C 106 20.94 -10.01 22.47
N ASP C 107 21.32 -11.25 22.20
CA ASP C 107 22.72 -11.60 22.20
C ASP C 107 23.08 -11.88 20.75
N ALA C 108 24.19 -12.57 20.49
CA ALA C 108 24.60 -12.92 19.12
C ALA C 108 24.14 -14.33 18.67
N SER C 109 23.30 -14.96 19.48
CA SER C 109 22.78 -16.27 19.12
C SER C 109 21.94 -16.25 17.84
N GLY C 110 21.15 -15.19 17.62
CA GLY C 110 20.31 -15.10 16.40
C GLY C 110 20.74 -13.89 15.58
N THR C 111 19.80 -13.12 15.05
CA THR C 111 20.17 -11.86 14.43
C THR C 111 20.12 -10.82 15.54
N ASN C 112 21.21 -10.11 15.81
CA ASN C 112 21.12 -9.16 16.94
C ASN C 112 20.31 -7.88 16.59
N LEU C 113 19.21 -7.65 17.29
CA LEU C 113 18.28 -6.53 17.01
C LEU C 113 18.97 -5.15 17.16
N PHE C 114 19.73 -4.97 18.24
CA PHE C 114 20.43 -3.71 18.53
C PHE C 114 21.38 -3.27 17.39
N LEU C 115 22.28 -4.16 17.00
CA LEU C 115 23.21 -3.93 15.87
C LEU C 115 22.48 -3.56 14.58
N VAL C 116 21.44 -4.31 14.24
CA VAL C 116 20.66 -4.05 13.04
C VAL C 116 19.88 -2.74 13.16
N ALA C 117 19.21 -2.53 14.29
CA ALA C 117 18.46 -1.29 14.55
C ALA C 117 19.36 -0.03 14.48
N ALA C 118 20.56 -0.13 15.03
CA ALA C 118 21.54 0.94 14.95
C ALA C 118 21.91 1.32 13.53
N HIS C 119 22.18 0.31 12.71
CA HIS C 119 22.51 0.51 11.28
C HIS C 119 21.35 1.15 10.60
N GLU C 120 20.16 0.59 10.80
CA GLU C 120 19.04 1.07 10.06
C GLU C 120 18.71 2.51 10.47
N LEU C 121 18.86 2.83 11.77
CA LEU C 121 18.63 4.21 12.22
C LEU C 121 19.53 5.21 11.53
N GLY C 122 20.73 4.80 11.19
CA GLY C 122 21.62 5.54 10.37
C GLY C 122 21.01 6.00 9.08
N HIS C 123 20.31 5.07 8.41
CA HIS C 123 19.61 5.37 7.19
C HIS C 123 18.49 6.34 7.47
N SER C 124 17.74 6.08 8.55
CA SER C 124 16.62 6.94 8.93
C SER C 124 17.06 8.37 9.15
N LEU C 125 18.30 8.53 9.60
CA LEU C 125 18.88 9.82 9.80
C LEU C 125 19.52 10.47 8.58
N GLY C 126 19.72 9.75 7.50
CA GLY C 126 20.35 10.25 6.24
C GLY C 126 21.65 9.58 5.80
N LEU C 127 22.20 8.64 6.59
CA LEU C 127 23.43 7.99 6.18
C LEU C 127 23.22 7.00 5.04
N PHE C 128 24.26 6.80 4.23
CA PHE C 128 24.27 5.74 3.20
C PHE C 128 25.19 4.65 3.69
N HIS C 129 25.41 3.64 2.87
CA HIS C 129 26.29 2.59 3.24
C HIS C 129 27.72 3.02 3.13
N SER C 130 28.54 2.45 4.00
CA SER C 130 29.97 2.65 3.98
C SER C 130 30.61 1.42 3.30
N ALA C 131 31.72 1.63 2.59
CA ALA C 131 32.54 0.52 2.09
C ALA C 131 33.54 0.05 3.16
N ASN C 132 33.60 0.75 4.29
CA ASN C 132 34.47 0.29 5.38
C ASN C 132 33.80 -0.85 6.17
N THR C 133 34.48 -2.01 6.23
CA THR C 133 33.90 -3.23 6.80
C THR C 133 33.90 -3.23 8.33
N GLU C 134 34.58 -2.26 8.92
CA GLU C 134 34.48 -2.00 10.36
C GLU C 134 33.52 -0.86 10.72
N ALA C 135 32.87 -0.26 9.72
CA ALA C 135 31.80 0.74 9.95
C ALA C 135 30.44 0.11 10.26
N LEU C 136 29.70 0.69 11.19
CA LEU C 136 28.33 0.24 11.43
C LEU C 136 27.51 0.28 10.12
N MET C 137 27.78 1.24 9.23
CA MET C 137 26.96 1.45 8.01
C MET C 137 27.32 0.55 6.86
N TYR C 138 28.32 -0.32 7.04
CA TYR C 138 28.59 -1.44 6.13
C TYR C 138 27.42 -2.43 6.21
N PRO C 139 26.78 -2.77 5.07
CA PRO C 139 25.52 -3.55 5.11
C PRO C 139 25.64 -5.00 5.61
N LEU C 140 26.85 -5.55 5.69
CA LEU C 140 27.08 -6.95 6.10
C LEU C 140 27.63 -7.15 7.52
N TYR C 141 26.76 -7.10 8.51
CA TYR C 141 27.15 -7.23 9.94
C TYR C 141 28.26 -6.28 10.40
N ASN C 142 28.57 -5.23 9.64
CA ASN C 142 28.99 -3.96 10.25
C ASN C 142 30.13 -3.92 11.36
N SER C 143 29.99 -4.73 12.41
CA SER C 143 30.94 -4.84 13.56
C SER C 143 30.84 -6.21 14.28
N PHE C 144 31.29 -7.27 13.60
CA PHE C 144 30.66 -8.61 13.65
C PHE C 144 30.01 -9.09 14.97
N THR C 145 30.76 -9.06 16.08
CA THR C 145 30.27 -9.59 17.39
C THR C 145 30.24 -8.61 18.62
N GLU C 146 31.34 -7.89 18.89
CA GLU C 146 31.61 -7.28 20.22
C GLU C 146 30.56 -6.22 20.68
N LEU C 147 29.55 -6.66 21.44
CA LEU C 147 28.41 -5.81 21.92
C LEU C 147 28.72 -4.97 23.15
N ALA C 148 29.21 -5.63 24.21
CA ALA C 148 29.59 -4.93 25.45
C ALA C 148 30.84 -4.05 25.26
N GLN C 149 31.40 -4.06 24.04
CA GLN C 149 32.37 -3.06 23.59
C GLN C 149 32.20 -2.78 22.08
N PHE C 150 30.94 -2.59 21.65
CA PHE C 150 30.66 -2.08 20.31
C PHE C 150 30.97 -0.59 20.31
N ARG C 151 31.43 -0.09 19.17
CA ARG C 151 31.79 1.34 19.03
C ARG C 151 31.41 1.85 17.65
N LEU C 152 30.79 3.02 17.53
CA LEU C 152 30.74 3.63 16.21
C LEU C 152 32.17 3.72 15.65
N SER C 153 32.35 3.50 14.36
CA SER C 153 33.60 3.84 13.69
C SER C 153 33.64 5.37 13.42
N GLN C 154 34.83 5.88 13.15
CA GLN C 154 35.03 7.31 12.97
C GLN C 154 34.40 7.67 11.64
N ASP C 155 34.40 6.72 10.72
CA ASP C 155 33.72 6.90 9.43
CA ASP C 155 33.74 6.90 9.47
C ASP C 155 32.23 7.16 9.69
N ASP C 156 31.63 6.42 10.66
CA ASP C 156 30.21 6.60 10.97
C ASP C 156 29.95 8.00 11.63
N VAL C 157 30.78 8.32 12.59
CA VAL C 157 30.73 9.62 13.25
C VAL C 157 30.90 10.76 12.25
N ASN C 158 31.85 10.65 11.34
CA ASN C 158 32.05 11.73 10.34
C ASN C 158 30.79 11.93 9.55
N GLY C 159 30.20 10.81 9.10
CA GLY C 159 28.99 10.86 8.28
C GLY C 159 27.92 11.59 9.04
N ILE C 160 27.67 11.18 10.27
CA ILE C 160 26.50 11.69 10.98
C ILE C 160 26.72 13.15 11.43
N GLN C 161 27.96 13.48 11.75
CA GLN C 161 28.26 14.84 12.16
C GLN C 161 28.33 15.78 10.95
N SER C 162 28.50 15.23 9.74
CA SER C 162 28.46 16.02 8.55
C SER C 162 27.06 16.51 8.27
N LEU C 163 26.05 15.77 8.75
CA LEU C 163 24.66 16.15 8.64
C LEU C 163 24.15 17.03 9.78
N TYR C 164 24.48 16.72 11.02
CA TYR C 164 23.90 17.37 12.19
C TYR C 164 24.89 18.11 13.06
N GLY C 165 26.16 18.12 12.70
CA GLY C 165 27.20 18.80 13.53
C GLY C 165 27.49 17.96 14.75
N MET D 7 -18.27 -0.86 19.04
CA MET D 7 -19.49 -0.18 19.54
C MET D 7 -20.48 0.05 18.39
N PRO D 8 -21.75 -0.38 18.54
CA PRO D 8 -22.69 0.14 17.54
C PRO D 8 -23.19 1.53 17.94
N LYS D 9 -22.83 1.97 19.15
CA LYS D 9 -23.21 3.31 19.61
C LYS D 9 -22.18 3.90 20.58
N TRP D 10 -22.18 5.23 20.70
CA TRP D 10 -21.42 5.96 21.73
C TRP D 10 -22.05 5.73 23.10
N ARG D 11 -21.19 5.43 24.09
CA ARG D 11 -21.60 5.21 25.47
C ARG D 11 -21.75 6.52 26.28
N LYS D 12 -21.78 7.70 25.63
CA LYS D 12 -22.02 8.99 26.33
C LYS D 12 -23.05 9.90 25.65
N THR D 13 -23.51 10.92 26.38
CA THR D 13 -24.50 11.89 25.85
C THR D 13 -23.86 13.15 25.23
N HIS D 14 -22.68 13.52 25.73
CA HIS D 14 -21.99 14.74 25.36
C HIS D 14 -20.78 14.32 24.52
N LEU D 15 -20.79 14.70 23.25
CA LEU D 15 -19.75 14.29 22.31
C LEU D 15 -19.00 15.50 21.81
N THR D 16 -17.73 15.29 21.46
CA THR D 16 -16.96 16.38 20.87
C THR D 16 -16.61 16.18 19.41
N TYR D 17 -16.48 17.30 18.71
CA TYR D 17 -16.05 17.29 17.33
C TYR D 17 -15.04 18.38 17.14
N ARG D 18 -14.19 18.20 16.12
CA ARG D 18 -13.33 19.27 15.65
C ARG D 18 -13.17 19.26 14.13
N ILE D 19 -13.19 20.47 13.57
CA ILE D 19 -12.95 20.73 12.18
C ILE D 19 -11.47 20.98 12.00
N VAL D 20 -10.78 19.93 11.58
CA VAL D 20 -9.34 19.88 11.61
C VAL D 20 -8.71 20.79 10.57
N ASN D 21 -9.32 20.85 9.39
CA ASN D 21 -8.79 21.61 8.27
C ASN D 21 -9.94 22.06 7.40
N TYR D 22 -9.65 22.81 6.36
CA TYR D 22 -10.67 23.63 5.69
C TYR D 22 -10.46 23.57 4.15
N THR D 23 -11.56 23.40 3.42
CA THR D 23 -11.52 23.32 1.97
C THR D 23 -11.30 24.70 1.40
N PRO D 24 -10.51 24.80 0.28
CA PRO D 24 -10.32 26.07 -0.42
C PRO D 24 -11.57 26.63 -1.02
N ASP D 25 -12.58 25.79 -1.20
CA ASP D 25 -13.79 26.17 -1.89
C ASP D 25 -14.69 27.10 -1.06
N LEU D 26 -14.39 27.26 0.23
CA LEU D 26 -15.32 28.00 1.09
C LEU D 26 -14.64 28.73 2.22
N PRO D 27 -15.20 29.89 2.62
CA PRO D 27 -14.65 30.56 3.79
C PRO D 27 -14.81 29.66 5.01
N ARG D 28 -13.85 29.71 5.95
CA ARG D 28 -13.97 28.88 7.16
C ARG D 28 -15.36 29.01 7.84
N ASP D 29 -15.93 30.21 7.85
CA ASP D 29 -17.22 30.46 8.53
C ASP D 29 -18.29 29.63 7.91
N ALA D 30 -18.21 29.46 6.60
CA ALA D 30 -19.24 28.73 5.86
C ALA D 30 -19.13 27.21 6.09
N VAL D 31 -17.90 26.73 6.22
CA VAL D 31 -17.69 25.33 6.55
C VAL D 31 -18.26 25.14 7.96
N ASP D 32 -17.81 25.98 8.89
CA ASP D 32 -18.27 25.90 10.31
C ASP D 32 -19.78 25.82 10.42
N SER D 33 -20.48 26.66 9.66
CA SER D 33 -21.91 26.76 9.77
C SER D 33 -22.62 25.54 9.22
N ALA D 34 -22.15 25.01 8.10
CA ALA D 34 -22.73 23.81 7.52
C ALA D 34 -22.60 22.59 8.47
N ILE D 35 -21.47 22.42 9.07
CA ILE D 35 -21.27 21.29 9.94
C ILE D 35 -22.12 21.42 11.21
N GLU D 36 -22.17 22.64 11.77
CA GLU D 36 -23.03 22.95 12.90
C GLU D 36 -24.43 22.55 12.57
N LYS D 37 -24.92 22.95 11.42
CA LYS D 37 -26.30 22.60 11.05
C LYS D 37 -26.51 21.09 10.93
N ALA D 38 -25.50 20.40 10.43
CA ALA D 38 -25.59 18.96 10.20
C ALA D 38 -25.66 18.22 11.52
N LEU D 39 -24.93 18.74 12.50
CA LEU D 39 -25.01 18.21 13.87
C LEU D 39 -26.41 18.47 14.46
N LYS D 40 -26.84 19.73 14.39
CA LYS D 40 -28.17 20.13 14.85
C LYS D 40 -29.25 19.13 14.42
N VAL D 41 -29.15 18.66 13.19
CA VAL D 41 -30.07 17.66 12.65
C VAL D 41 -30.22 16.46 13.60
N TRP D 42 -29.10 16.00 14.14
CA TRP D 42 -29.09 14.82 14.98
C TRP D 42 -29.36 15.21 16.44
N GLU D 43 -28.97 16.42 16.84
CA GLU D 43 -29.26 16.91 18.17
C GLU D 43 -30.74 17.02 18.41
N GLU D 44 -31.52 17.40 17.40
CA GLU D 44 -32.93 17.68 17.64
C GLU D 44 -33.81 16.46 17.89
N VAL D 45 -33.31 15.26 17.66
CA VAL D 45 -34.14 14.06 17.80
C VAL D 45 -33.51 13.03 18.71
N THR D 46 -32.48 13.43 19.45
CA THR D 46 -31.84 12.56 20.41
C THR D 46 -31.38 13.37 21.65
N PRO D 47 -31.01 12.69 22.73
CA PRO D 47 -30.49 13.39 23.91
C PRO D 47 -29.02 13.68 23.76
N LEU D 48 -28.52 13.60 22.53
CA LEU D 48 -27.13 13.95 22.26
C LEU D 48 -26.94 15.46 22.15
N THR D 49 -25.81 15.92 22.71
CA THR D 49 -25.30 17.28 22.53
C THR D 49 -23.83 17.21 22.13
N PHE D 50 -23.43 18.09 21.23
CA PHE D 50 -22.08 18.11 20.70
C PHE D 50 -21.43 19.41 21.12
N SER D 51 -20.13 19.38 21.39
CA SER D 51 -19.40 20.63 21.62
C SER D 51 -18.10 20.66 20.84
N ARG D 52 -17.72 21.85 20.40
CA ARG D 52 -16.61 21.99 19.47
C ARG D 52 -15.30 22.10 20.20
N LEU D 53 -14.27 21.44 19.69
CA LEU D 53 -12.89 21.61 20.17
C LEU D 53 -12.05 22.22 19.04
N TYR D 54 -11.16 23.17 19.38
CA TYR D 54 -10.27 23.77 18.38
C TYR D 54 -8.84 23.23 18.45
N GLU D 55 -8.59 22.26 19.31
CA GLU D 55 -7.29 21.64 19.32
C GLU D 55 -7.42 20.24 19.85
N GLY D 56 -6.43 19.40 19.58
CA GLY D 56 -6.37 18.05 20.14
C GLY D 56 -7.39 17.13 19.48
N GLU D 57 -7.69 16.03 20.15
CA GLU D 57 -8.52 15.00 19.56
C GLU D 57 -9.94 15.06 20.10
N ALA D 58 -10.88 15.41 19.24
CA ALA D 58 -12.30 15.29 19.55
C ALA D 58 -12.76 13.88 19.15
N ASP D 59 -13.93 13.49 19.64
CA ASP D 59 -14.51 12.18 19.28
C ASP D 59 -14.63 12.11 17.75
N ILE D 60 -15.20 13.16 17.18
CA ILE D 60 -15.44 13.22 15.75
C ILE D 60 -14.52 14.23 15.08
N MET D 61 -13.45 13.72 14.47
CA MET D 61 -12.47 14.53 13.75
C MET D 61 -12.92 14.58 12.32
N ILE D 62 -13.20 15.81 11.86
CA ILE D 62 -13.73 16.07 10.54
C ILE D 62 -12.65 16.74 9.70
N SER D 63 -12.39 16.18 8.52
CA SER D 63 -11.45 16.82 7.63
C SER D 63 -11.77 16.69 6.17
N PHE D 64 -11.05 17.52 5.40
CA PHE D 64 -10.99 17.44 3.97
C PHE D 64 -9.70 16.84 3.49
N ALA D 65 -9.80 15.92 2.54
CA ALA D 65 -8.64 15.28 1.93
C ALA D 65 -8.90 14.89 0.44
N VAL D 66 -7.80 14.65 -0.29
CA VAL D 66 -7.84 14.21 -1.68
C VAL D 66 -6.96 12.96 -1.83
N LYS D 67 -7.38 12.04 -2.68
CA LYS D 67 -6.69 10.78 -2.89
C LYS D 67 -6.25 10.17 -1.55
N GLU D 68 -5.01 9.72 -1.43
CA GLU D 68 -4.60 8.97 -0.22
C GLU D 68 -4.40 9.96 0.91
N HIS D 69 -4.93 9.62 2.07
CA HIS D 69 -4.89 10.54 3.18
C HIS D 69 -4.70 9.83 4.51
N GLY D 70 -4.12 8.64 4.45
CA GLY D 70 -3.60 7.95 5.65
C GLY D 70 -4.52 6.94 6.31
N ASP D 71 -5.55 6.52 5.59
CA ASP D 71 -6.44 5.40 5.99
C ASP D 71 -6.39 4.49 4.75
N PHE D 72 -6.97 3.30 4.75
CA PHE D 72 -6.84 2.46 3.55
C PHE D 72 -7.88 2.72 2.48
N TYR D 73 -8.57 3.85 2.59
CA TYR D 73 -9.63 4.21 1.65
C TYR D 73 -9.34 5.54 0.97
N SER D 74 -8.50 5.46 -0.04
CA SER D 74 -8.09 6.59 -0.82
C SER D 74 -9.28 7.22 -1.52
N PHE D 75 -9.39 8.54 -1.51
CA PHE D 75 -10.40 9.17 -2.37
C PHE D 75 -10.09 9.01 -3.86
N ASP D 76 -11.02 9.42 -4.72
CA ASP D 76 -11.05 8.88 -6.05
C ASP D 76 -11.24 9.95 -7.11
N GLY D 77 -10.92 11.20 -6.75
CA GLY D 77 -11.06 12.30 -7.66
C GLY D 77 -12.48 12.79 -7.70
N PRO D 78 -12.75 13.74 -8.62
CA PRO D 78 -14.04 14.26 -8.85
C PRO D 78 -15.12 13.21 -8.95
N GLY D 79 -16.28 13.48 -8.37
CA GLY D 79 -17.37 12.52 -8.36
C GLY D 79 -17.12 11.23 -7.62
N HIS D 80 -17.88 10.23 -8.00
CA HIS D 80 -17.82 8.96 -7.38
C HIS D 80 -18.06 9.16 -5.89
N SER D 81 -17.08 8.80 -5.05
CA SER D 81 -17.27 8.91 -3.61
CA SER D 81 -17.22 8.91 -3.60
C SER D 81 -16.96 10.36 -3.22
N LEU D 82 -17.91 10.96 -2.48
CA LEU D 82 -17.80 12.34 -2.04
C LEU D 82 -17.23 12.37 -0.61
N ALA D 83 -17.44 11.31 0.14
CA ALA D 83 -17.01 11.31 1.50
C ALA D 83 -17.29 9.97 2.09
N HIS D 84 -16.70 9.78 3.24
CA HIS D 84 -16.91 8.59 4.01
C HIS D 84 -16.62 8.84 5.47
N ALA D 85 -16.96 7.87 6.31
CA ALA D 85 -16.92 8.04 7.78
C ALA D 85 -16.85 6.69 8.49
N TYR D 86 -16.57 6.72 9.79
CA TYR D 86 -16.35 5.51 10.59
C TYR D 86 -17.37 5.41 11.75
N PRO D 87 -17.82 4.18 12.08
CA PRO D 87 -18.79 4.05 13.21
C PRO D 87 -18.17 4.40 14.58
N PRO D 88 -18.97 4.43 15.65
CA PRO D 88 -18.42 4.83 16.96
C PRO D 88 -17.26 3.96 17.48
N GLY D 89 -16.41 4.57 18.30
CA GLY D 89 -15.14 3.97 18.63
C GLY D 89 -14.06 5.00 18.90
N PRO D 90 -12.86 4.52 19.28
CA PRO D 90 -11.68 5.33 19.61
C PRO D 90 -10.87 5.68 18.37
N GLY D 91 -10.08 6.77 18.44
CA GLY D 91 -9.22 7.19 17.31
C GLY D 91 -9.97 7.57 16.02
N LEU D 92 -9.67 6.84 14.96
CA LEU D 92 -10.24 7.06 13.63
C LEU D 92 -11.76 6.86 13.66
N TYR D 93 -12.23 5.95 14.52
CA TYR D 93 -13.67 5.66 14.61
C TYR D 93 -14.42 6.91 14.97
N GLY D 94 -15.57 7.07 14.33
CA GLY D 94 -16.37 8.29 14.45
C GLY D 94 -15.96 9.42 13.53
N ASP D 95 -14.80 9.33 12.90
CA ASP D 95 -14.25 10.45 12.12
C ASP D 95 -14.90 10.56 10.70
N ILE D 96 -14.87 11.78 10.14
CA ILE D 96 -15.47 12.05 8.84
C ILE D 96 -14.43 12.65 7.90
N HIS D 97 -14.36 12.13 6.66
CA HIS D 97 -13.48 12.66 5.60
C HIS D 97 -14.22 13.02 4.36
N PHE D 98 -13.99 14.25 3.89
CA PHE D 98 -14.63 14.80 2.71
C PHE D 98 -13.61 14.86 1.62
N ASP D 99 -14.03 14.49 0.41
CA ASP D 99 -13.14 14.51 -0.74
C ASP D 99 -13.09 15.92 -1.34
N ASP D 100 -11.93 16.53 -1.25
CA ASP D 100 -11.80 17.87 -1.73
C ASP D 100 -11.62 18.00 -3.23
N ASP D 101 -11.62 16.89 -3.94
CA ASP D 101 -11.77 16.97 -5.40
C ASP D 101 -13.23 17.25 -5.84
N GLU D 102 -14.16 17.33 -4.87
CA GLU D 102 -15.49 17.83 -5.11
C GLU D 102 -15.37 19.30 -4.88
N LYS D 103 -16.32 20.04 -5.44
CA LYS D 103 -16.42 21.44 -5.19
C LYS D 103 -17.48 21.61 -4.13
N TRP D 104 -17.08 21.85 -2.90
CA TRP D 104 -18.02 21.95 -1.77
C TRP D 104 -18.65 23.33 -1.73
N THR D 105 -19.98 23.33 -1.69
CA THR D 105 -20.75 24.57 -1.70
C THR D 105 -21.78 24.63 -0.56
N GLU D 106 -22.28 25.84 -0.33
CA GLU D 106 -23.37 26.12 0.62
C GLU D 106 -24.73 25.92 -0.03
N ASP D 107 -24.79 26.02 -1.34
CA ASP D 107 -26.05 25.83 -2.06
C ASP D 107 -25.97 24.50 -2.80
N ALA D 108 -26.81 24.29 -3.83
CA ALA D 108 -26.77 23.07 -4.67
C ALA D 108 -25.98 23.26 -5.97
N SER D 109 -25.26 24.38 -6.10
CA SER D 109 -24.42 24.60 -7.28
C SER D 109 -23.31 23.51 -7.41
N GLY D 110 -22.74 23.06 -6.28
CA GLY D 110 -21.66 22.05 -6.31
C GLY D 110 -22.03 20.75 -5.63
N THR D 111 -21.20 20.28 -4.68
CA THR D 111 -21.61 19.23 -3.77
C THR D 111 -22.01 19.94 -2.45
N ASN D 112 -23.23 19.74 -1.98
CA ASN D 112 -23.60 20.45 -0.76
C ASN D 112 -22.98 19.82 0.53
N LEU D 113 -22.16 20.59 1.21
CA LEU D 113 -21.45 20.16 2.40
C LEU D 113 -22.38 19.71 3.57
N PHE D 114 -23.40 20.51 3.83
CA PHE D 114 -24.38 20.22 4.89
C PHE D 114 -25.04 18.86 4.74
N LEU D 115 -25.67 18.66 3.59
CA LEU D 115 -26.32 17.39 3.28
C LEU D 115 -25.38 16.20 3.43
N VAL D 116 -24.16 16.31 2.88
CA VAL D 116 -23.19 15.21 2.98
C VAL D 116 -22.72 15.04 4.42
N ALA D 117 -22.39 16.14 5.07
CA ALA D 117 -21.93 16.07 6.49
C ALA D 117 -22.98 15.42 7.41
N ALA D 118 -24.24 15.75 7.17
CA ALA D 118 -25.35 15.16 7.93
C ALA D 118 -25.41 13.67 7.80
N HIS D 119 -25.26 13.18 6.57
CA HIS D 119 -25.29 11.76 6.29
C HIS D 119 -24.14 11.08 6.98
N GLU D 120 -22.95 11.68 6.84
CA GLU D 120 -21.76 11.00 7.33
C GLU D 120 -21.77 11.03 8.85
N LEU D 121 -22.30 12.10 9.45
CA LEU D 121 -22.48 12.09 10.91
C LEU D 121 -23.35 10.92 11.38
N GLY D 122 -24.34 10.55 10.57
CA GLY D 122 -25.16 9.36 10.85
C GLY D 122 -24.34 8.12 11.09
N HIS D 123 -23.33 7.92 10.23
CA HIS D 123 -22.42 6.82 10.38
C HIS D 123 -21.63 6.99 11.65
N SER D 124 -21.12 8.21 11.87
CA SER D 124 -20.32 8.50 13.06
C SER D 124 -21.10 8.13 14.32
N LEU D 125 -22.42 8.27 14.27
CA LEU D 125 -23.26 7.93 15.39
C LEU D 125 -23.70 6.46 15.50
N GLY D 126 -23.42 5.65 14.48
CA GLY D 126 -23.79 4.22 14.47
C GLY D 126 -24.78 3.80 13.38
N LEU D 127 -25.32 4.72 12.59
CA LEU D 127 -26.27 4.33 11.52
C LEU D 127 -25.59 3.61 10.34
N PHE D 128 -26.37 2.81 9.63
CA PHE D 128 -25.97 2.19 8.35
C PHE D 128 -26.79 2.86 7.26
N HIS D 129 -26.69 2.35 6.04
CA HIS D 129 -27.41 2.96 4.94
C HIS D 129 -28.85 2.50 4.93
N SER D 130 -29.71 3.38 4.43
CA SER D 130 -31.12 3.08 4.22
C SER D 130 -31.37 2.77 2.73
N ALA D 131 -32.36 1.90 2.44
CA ALA D 131 -32.81 1.68 1.08
C ALA D 131 -33.88 2.68 0.68
N ASN D 132 -34.34 3.49 1.62
CA ASN D 132 -35.30 4.53 1.30
C ASN D 132 -34.62 5.75 0.65
N THR D 133 -35.05 6.05 -0.57
CA THR D 133 -34.40 7.02 -1.39
C THR D 133 -34.68 8.44 -0.95
N GLU D 134 -35.63 8.61 -0.04
CA GLU D 134 -35.87 9.90 0.61
C GLU D 134 -35.22 10.02 2.00
N ALA D 135 -34.56 8.95 2.44
CA ALA D 135 -33.84 8.96 3.70
C ALA D 135 -32.48 9.66 3.56
N LEU D 136 -32.09 10.41 4.56
CA LEU D 136 -30.77 10.99 4.57
C LEU D 136 -29.68 9.91 4.49
N MET D 137 -29.92 8.73 5.06
CA MET D 137 -28.90 7.67 5.10
C MET D 137 -28.83 6.81 3.83
N TYR D 138 -29.63 7.15 2.82
CA TYR D 138 -29.46 6.61 1.45
C TYR D 138 -28.15 7.17 0.86
N PRO D 139 -27.23 6.30 0.45
CA PRO D 139 -25.92 6.84 0.00
C PRO D 139 -25.94 7.81 -1.19
N LEU D 140 -26.98 7.86 -1.99
CA LEU D 140 -26.85 8.68 -3.23
C LEU D 140 -27.18 10.16 -3.08
N TYR D 141 -26.11 11.00 -3.10
CA TYR D 141 -26.10 12.38 -2.53
C TYR D 141 -27.50 13.00 -2.64
N ASN D 142 -28.08 13.11 -1.43
CA ASN D 142 -29.36 12.43 -1.08
C ASN D 142 -30.69 13.10 -1.30
N SER D 143 -30.87 14.30 -0.73
CA SER D 143 -32.18 14.81 -0.30
C SER D 143 -32.34 16.14 -1.05
N PHE D 144 -31.96 16.09 -2.33
CA PHE D 144 -31.51 17.25 -3.11
C PHE D 144 -32.11 18.59 -2.74
N THR D 145 -33.43 18.68 -2.80
CA THR D 145 -34.09 19.96 -2.73
C THR D 145 -34.05 20.57 -1.34
N GLU D 146 -34.94 20.14 -0.46
CA GLU D 146 -35.11 20.81 0.83
C GLU D 146 -33.77 21.24 1.43
N LEU D 147 -33.45 22.53 1.40
CA LEU D 147 -32.31 22.99 2.25
C LEU D 147 -32.55 23.91 3.48
N ALA D 148 -33.17 25.08 3.30
CA ALA D 148 -33.45 25.99 4.43
C ALA D 148 -34.59 25.50 5.36
N GLN D 149 -35.22 24.38 4.99
CA GLN D 149 -36.36 23.74 5.70
C GLN D 149 -36.22 22.19 5.56
N PHE D 150 -35.01 21.69 5.69
CA PHE D 150 -34.73 20.27 5.41
C PHE D 150 -35.34 19.41 6.54
N ARG D 151 -35.67 18.16 6.23
CA ARG D 151 -36.26 17.22 7.21
C ARG D 151 -35.67 15.82 7.19
N LEU D 152 -35.23 15.32 8.32
CA LEU D 152 -34.93 13.90 8.43
C LEU D 152 -36.15 13.12 7.99
N SER D 153 -35.96 11.95 7.41
CA SER D 153 -37.06 11.04 7.17
C SER D 153 -37.35 10.26 8.45
N GLN D 154 -38.54 9.65 8.50
CA GLN D 154 -38.96 8.92 9.71
C GLN D 154 -38.09 7.68 9.84
N ASP D 155 -37.68 7.15 8.69
CA ASP D 155 -36.75 6.01 8.69
CA ASP D 155 -36.74 6.02 8.69
C ASP D 155 -35.43 6.41 9.40
N ASP D 156 -34.98 7.64 9.20
CA ASP D 156 -33.72 8.12 9.83
C ASP D 156 -33.89 8.34 11.33
N VAL D 157 -35.02 8.95 11.68
CA VAL D 157 -35.37 9.14 13.08
C VAL D 157 -35.47 7.80 13.81
N ASN D 158 -36.10 6.81 13.20
CA ASN D 158 -36.23 5.51 13.84
C ASN D 158 -34.89 4.89 14.11
N GLY D 159 -34.01 4.93 13.10
CA GLY D 159 -32.69 4.39 13.23
C GLY D 159 -31.98 5.06 14.42
N ILE D 160 -31.97 6.37 14.43
CA ILE D 160 -31.14 7.06 15.44
C ILE D 160 -31.75 6.96 16.85
N GLN D 161 -33.08 6.92 16.92
CA GLN D 161 -33.74 6.77 18.23
C GLN D 161 -33.71 5.33 18.71
N SER D 162 -33.46 4.38 17.80
CA SER D 162 -33.23 3.00 18.20
C SER D 162 -31.91 2.81 18.94
N LEU D 163 -30.95 3.70 18.69
CA LEU D 163 -29.68 3.73 19.40
C LEU D 163 -29.69 4.61 20.66
N TYR D 164 -30.27 5.82 20.59
CA TYR D 164 -30.14 6.80 21.70
C TYR D 164 -31.43 7.15 22.38
N GLY D 165 -32.48 6.38 22.14
CA GLY D 165 -33.60 6.33 23.09
C GLY D 165 -34.50 7.53 23.02
ZN ZN E . 21.73 -0.56 5.16
ZN ZN F . 9.43 -2.62 4.30
CA CA G . 15.25 -12.09 5.37
CA CA H . 8.26 8.27 8.97
CA CA I . 11.27 -13.90 14.09
ZN ZN J . -22.86 6.58 3.77
ZN ZN K . -10.68 8.49 4.74
CA CA L . -14.61 11.81 -5.31
CA CA M . -12.70 9.73 16.36
CA CA N . -12.60 21.10 -3.60
#